data_7Y4N
#
_entry.id   7Y4N
#
_cell.length_a   1.000
_cell.length_b   1.000
_cell.length_c   1.000
_cell.angle_alpha   90.00
_cell.angle_beta   90.00
_cell.angle_gamma   90.00
#
_symmetry.space_group_name_H-M   'P 1'
#
_entity_poly.entity_id   1
_entity_poly.type   'polypeptide(L)'
_entity_poly.pdbx_seq_one_letter_code
;GEEMLVQALYDFVPQESGELDFRRGDVITVTDRSDENWWNGEIGNRKGIFPATYVTPYHS
;
_entity_poly.pdbx_strand_id   A
#
# COMPACT_ATOMS: atom_id res chain seq x y z
N GLY A 1 1.72 -17.88 -0.45
CA GLY A 1 0.42 -17.66 -1.10
C GLY A 1 -0.16 -16.33 -0.70
N GLU A 2 0.36 -15.25 -1.30
CA GLU A 2 -0.09 -13.90 -1.05
C GLU A 2 -0.41 -13.24 -2.39
N GLU A 3 -1.68 -12.90 -2.60
CA GLU A 3 -2.15 -12.31 -3.85
C GLU A 3 -3.11 -11.16 -3.56
N MET A 4 -3.33 -10.84 -2.27
CA MET A 4 -4.24 -9.80 -1.89
C MET A 4 -3.71 -8.44 -2.36
N LEU A 5 -4.61 -7.52 -2.67
CA LEU A 5 -4.25 -6.19 -3.11
C LEU A 5 -5.11 -5.17 -2.39
N VAL A 6 -4.65 -3.93 -2.32
CA VAL A 6 -5.37 -2.87 -1.63
C VAL A 6 -5.45 -1.64 -2.51
N GLN A 7 -6.32 -0.70 -2.13
CA GLN A 7 -6.54 0.52 -2.89
C GLN A 7 -6.56 1.71 -1.95
N ALA A 8 -5.96 2.82 -2.38
CA ALA A 8 -5.93 4.03 -1.57
C ALA A 8 -7.30 4.70 -1.57
N LEU A 9 -7.69 5.26 -0.43
CA LEU A 9 -9.00 5.91 -0.28
C LEU A 9 -8.89 7.42 -0.48
N TYR A 10 -7.67 7.98 -0.30
CA TYR A 10 -7.43 9.42 -0.43
C TYR A 10 -6.00 9.64 -0.93
N ASP A 11 -5.63 10.90 -1.16
CA ASP A 11 -4.29 11.26 -1.61
C ASP A 11 -3.29 11.12 -0.46
N PHE A 12 -2.00 11.05 -0.80
CA PHE A 12 -0.92 10.96 0.17
C PHE A 12 0.38 11.38 -0.49
N VAL A 13 1.22 12.14 0.23
CA VAL A 13 2.50 12.59 -0.29
C VAL A 13 3.56 12.46 0.81
N PRO A 14 4.19 11.28 0.95
CA PRO A 14 5.21 11.05 1.94
C PRO A 14 6.48 11.78 1.56
N GLN A 15 6.89 12.73 2.40
CA GLN A 15 8.09 13.50 2.14
C GLN A 15 9.31 12.82 2.78
N GLU A 16 9.09 11.86 3.68
CA GLU A 16 10.16 11.13 4.32
C GLU A 16 10.47 9.90 3.48
N SER A 17 11.73 9.44 3.53
CA SER A 17 12.15 8.24 2.84
C SER A 17 11.74 7.03 3.66
N GLY A 18 11.69 5.86 3.02
CA GLY A 18 11.32 4.63 3.69
C GLY A 18 9.81 4.39 3.57
N GLU A 19 9.07 5.41 3.17
CA GLU A 19 7.63 5.29 2.97
C GLU A 19 7.36 5.03 1.48
N LEU A 20 6.17 4.53 1.17
CA LEU A 20 5.79 4.29 -0.22
C LEU A 20 4.87 5.41 -0.69
N ASP A 21 5.24 6.08 -1.78
CA ASP A 21 4.45 7.16 -2.33
C ASP A 21 3.47 6.63 -3.37
N PHE A 22 2.36 7.36 -3.55
CA PHE A 22 1.28 7.01 -4.47
C PHE A 22 0.20 8.09 -4.36
N ARG A 23 -0.84 8.01 -5.19
CA ARG A 23 -1.94 9.00 -5.15
C ARG A 23 -3.27 8.28 -5.25
N ARG A 24 -4.36 9.02 -5.04
CA ARG A 24 -5.70 8.44 -5.11
C ARG A 24 -5.93 7.82 -6.49
N GLY A 25 -6.42 6.58 -6.49
CA GLY A 25 -6.68 5.81 -7.69
C GLY A 25 -5.64 4.69 -7.87
N ASP A 26 -4.52 4.74 -7.13
CA ASP A 26 -3.49 3.72 -7.21
C ASP A 26 -3.91 2.45 -6.46
N VAL A 27 -3.42 1.31 -6.98
CA VAL A 27 -3.61 -0.02 -6.41
C VAL A 27 -2.24 -0.61 -6.04
N ILE A 28 -2.16 -1.39 -4.96
CA ILE A 28 -0.90 -1.97 -4.53
C ILE A 28 -1.09 -3.45 -4.21
N THR A 29 -0.13 -4.29 -4.63
CA THR A 29 -0.15 -5.71 -4.37
C THR A 29 0.54 -5.96 -3.03
N VAL A 30 -0.20 -6.45 -2.03
CA VAL A 30 0.37 -6.72 -0.72
C VAL A 30 1.27 -7.95 -0.81
N THR A 31 2.58 -7.77 -0.64
CA THR A 31 3.50 -8.88 -0.74
C THR A 31 3.41 -9.76 0.51
N ASP A 32 3.11 -9.16 1.67
CA ASP A 32 2.96 -9.90 2.92
C ASP A 32 2.31 -9.01 3.98
N ARG A 33 1.91 -9.61 5.11
CA ARG A 33 1.27 -8.88 6.20
C ARG A 33 2.25 -8.74 7.36
N SER A 34 3.24 -7.86 7.18
CA SER A 34 4.26 -7.61 8.18
C SER A 34 3.63 -7.25 9.53
N ASP A 35 2.65 -6.35 9.51
CA ASP A 35 1.99 -5.89 10.73
C ASP A 35 0.49 -5.78 10.52
N GLU A 36 -0.24 -5.45 11.58
CA GLU A 36 -1.69 -5.29 11.52
C GLU A 36 -2.05 -3.85 11.13
N ASN A 37 -1.08 -2.94 11.18
CA ASN A 37 -1.33 -1.53 10.88
C ASN A 37 -0.39 -1.02 9.79
N TRP A 38 0.57 -1.85 9.37
CA TRP A 38 1.49 -1.49 8.31
C TRP A 38 1.69 -2.71 7.42
N TRP A 39 1.64 -2.49 6.09
CA TRP A 39 1.82 -3.57 5.13
C TRP A 39 2.89 -3.14 4.13
N ASN A 40 3.40 -4.12 3.36
CA ASN A 40 4.41 -3.87 2.35
C ASN A 40 3.88 -4.37 1.02
N GLY A 41 4.40 -3.84 -0.07
CA GLY A 41 3.95 -4.24 -1.39
C GLY A 41 4.73 -3.48 -2.46
N GLU A 42 4.38 -3.72 -3.72
CA GLU A 42 5.03 -3.09 -4.85
C GLU A 42 3.98 -2.42 -5.72
N ILE A 43 4.38 -1.38 -6.45
CA ILE A 43 3.48 -0.64 -7.32
C ILE A 43 4.25 -0.14 -8.55
N GLY A 44 4.24 -0.94 -9.61
CA GLY A 44 4.85 -0.59 -10.87
C GLY A 44 6.38 -0.53 -10.79
N ASN A 45 6.92 0.66 -10.51
CA ASN A 45 8.36 0.89 -10.51
C ASN A 45 8.90 1.23 -9.12
N ARG A 46 8.05 1.20 -8.09
CA ARG A 46 8.49 1.53 -6.74
C ARG A 46 7.81 0.62 -5.74
N LYS A 47 8.39 0.50 -4.54
CA LYS A 47 7.84 -0.35 -3.49
C LYS A 47 8.21 0.21 -2.12
N GLY A 48 7.54 -0.28 -1.08
CA GLY A 48 7.79 0.17 0.28
C GLY A 48 6.59 -0.11 1.17
N ILE A 49 6.72 0.20 2.46
CA ILE A 49 5.64 -0.02 3.41
C ILE A 49 4.63 1.13 3.33
N PHE A 50 3.41 0.88 3.81
CA PHE A 50 2.36 1.88 3.84
C PHE A 50 1.37 1.55 4.96
N PRO A 51 0.64 2.56 5.45
CA PRO A 51 -0.33 2.39 6.51
C PRO A 51 -1.54 1.60 6.01
N ALA A 52 -1.98 0.60 6.78
CA ALA A 52 -3.10 -0.25 6.42
C ALA A 52 -4.44 0.47 6.59
N THR A 53 -4.50 1.49 7.45
CA THR A 53 -5.73 2.24 7.67
C THR A 53 -6.01 3.17 6.48
N TYR A 54 -4.97 3.51 5.73
CA TYR A 54 -5.07 4.41 4.58
C TYR A 54 -5.64 3.69 3.36
N VAL A 55 -5.66 2.36 3.39
CA VAL A 55 -6.11 1.57 2.25
C VAL A 55 -7.29 0.69 2.63
N THR A 56 -7.90 0.05 1.61
CA THR A 56 -9.01 -0.85 1.80
C THR A 56 -8.69 -2.16 1.08
N PRO A 57 -9.06 -3.31 1.66
CA PRO A 57 -8.80 -4.63 1.09
C PRO A 57 -9.70 -4.86 -0.12
N TYR A 58 -9.17 -4.62 -1.33
CA TYR A 58 -9.94 -4.82 -2.54
C TYR A 58 -10.11 -6.32 -2.82
N HIS A 59 -10.97 -6.65 -3.79
CA HIS A 59 -11.25 -8.03 -4.14
C HIS A 59 -10.11 -8.61 -4.99
N SER A 60 -9.37 -9.57 -4.42
CA SER A 60 -8.27 -10.22 -5.12
C SER A 60 -8.82 -11.00 -6.31
N GLY A 1 -1.57 -17.66 -3.77
CA GLY A 1 -1.15 -17.50 -2.38
C GLY A 1 -1.34 -16.06 -1.92
N GLU A 2 -0.24 -15.39 -1.57
CA GLU A 2 -0.30 -14.00 -1.17
C GLU A 2 -0.52 -13.14 -2.41
N GLU A 3 -1.78 -12.79 -2.68
CA GLU A 3 -2.17 -12.01 -3.84
C GLU A 3 -3.05 -10.84 -3.41
N MET A 4 -3.20 -10.65 -2.09
CA MET A 4 -4.03 -9.59 -1.56
C MET A 4 -3.49 -8.25 -2.03
N LEU A 5 -4.40 -7.37 -2.46
CA LEU A 5 -4.07 -6.02 -2.89
C LEU A 5 -5.05 -5.05 -2.25
N VAL A 6 -4.65 -3.78 -2.14
CA VAL A 6 -5.47 -2.77 -1.49
C VAL A 6 -5.63 -1.56 -2.40
N GLN A 7 -6.52 -0.64 -2.04
CA GLN A 7 -6.82 0.53 -2.84
C GLN A 7 -6.81 1.77 -1.94
N ALA A 8 -6.07 2.81 -2.35
CA ALA A 8 -5.93 4.05 -1.59
C ALA A 8 -7.24 4.81 -1.53
N LEU A 9 -7.54 5.39 -0.36
CA LEU A 9 -8.79 6.11 -0.16
C LEU A 9 -8.59 7.63 -0.20
N TYR A 10 -7.34 8.09 -0.17
CA TYR A 10 -7.04 9.52 -0.16
C TYR A 10 -5.72 9.80 -0.86
N ASP A 11 -5.38 11.07 -0.99
CA ASP A 11 -4.11 11.48 -1.58
C ASP A 11 -3.02 11.32 -0.54
N PHE A 12 -1.75 11.27 -0.96
CA PHE A 12 -0.65 11.09 -0.03
C PHE A 12 0.65 11.52 -0.69
N VAL A 13 1.54 12.15 0.09
CA VAL A 13 2.84 12.59 -0.39
C VAL A 13 3.87 12.30 0.71
N PRO A 14 4.39 11.08 0.76
CA PRO A 14 5.36 10.67 1.75
C PRO A 14 6.70 11.33 1.46
N GLN A 15 6.91 12.53 2.02
CA GLN A 15 8.15 13.25 1.84
C GLN A 15 9.26 12.63 2.68
N GLU A 16 8.98 11.47 3.29
CA GLU A 16 9.94 10.75 4.11
C GLU A 16 10.14 9.37 3.50
N SER A 17 11.39 9.03 3.16
CA SER A 17 11.68 7.75 2.56
C SER A 17 11.30 6.62 3.52
N GLY A 18 11.02 5.44 2.95
CA GLY A 18 10.63 4.27 3.71
C GLY A 18 9.14 3.99 3.49
N GLU A 19 8.37 5.05 3.22
CA GLU A 19 6.95 4.91 2.92
C GLU A 19 6.80 4.73 1.42
N LEU A 20 5.64 4.26 0.98
CA LEU A 20 5.39 4.01 -0.43
C LEU A 20 4.71 5.22 -1.07
N ASP A 21 5.34 5.79 -2.10
CA ASP A 21 4.81 6.94 -2.81
C ASP A 21 3.68 6.50 -3.74
N PHE A 22 2.48 7.01 -3.50
CA PHE A 22 1.31 6.71 -4.32
C PHE A 22 0.32 7.89 -4.25
N ARG A 23 -0.77 7.79 -5.00
CA ARG A 23 -1.79 8.83 -5.08
C ARG A 23 -3.17 8.19 -4.94
N ARG A 24 -4.22 9.01 -4.82
CA ARG A 24 -5.56 8.50 -4.66
C ARG A 24 -5.98 7.68 -5.89
N GLY A 25 -6.73 6.61 -5.67
CA GLY A 25 -7.23 5.77 -6.75
C GLY A 25 -6.24 4.66 -7.12
N ASP A 26 -5.00 4.73 -6.61
CA ASP A 26 -3.99 3.73 -6.92
C ASP A 26 -4.25 2.43 -6.18
N VAL A 27 -3.73 1.32 -6.71
CA VAL A 27 -3.85 -0.01 -6.12
C VAL A 27 -2.44 -0.50 -5.77
N ILE A 28 -2.32 -1.25 -4.66
CA ILE A 28 -1.02 -1.75 -4.21
C ILE A 28 -1.12 -3.24 -3.90
N THR A 29 -0.22 -4.04 -4.47
CA THR A 29 -0.19 -5.47 -4.22
C THR A 29 0.51 -5.72 -2.89
N VAL A 30 -0.23 -6.21 -1.89
CA VAL A 30 0.33 -6.50 -0.58
C VAL A 30 1.23 -7.73 -0.68
N THR A 31 2.55 -7.50 -0.80
CA THR A 31 3.50 -8.60 -0.91
C THR A 31 3.74 -9.22 0.47
N ASP A 32 3.45 -8.47 1.54
CA ASP A 32 3.60 -8.96 2.90
C ASP A 32 2.59 -8.24 3.80
N ARG A 33 2.09 -8.96 4.82
CA ARG A 33 1.11 -8.45 5.75
C ARG A 33 1.54 -8.71 7.19
N SER A 34 2.84 -8.59 7.47
CA SER A 34 3.37 -8.84 8.80
C SER A 34 2.63 -8.02 9.87
N ASP A 35 2.93 -6.72 9.99
CA ASP A 35 2.29 -5.88 10.99
C ASP A 35 0.82 -5.70 10.65
N GLU A 36 -0.01 -5.47 11.66
CA GLU A 36 -1.45 -5.29 11.46
C GLU A 36 -1.79 -3.84 11.13
N ASN A 37 -0.85 -2.90 11.36
CA ASN A 37 -1.08 -1.49 11.11
C ASN A 37 -0.29 -1.00 9.90
N TRP A 38 0.71 -1.77 9.46
CA TRP A 38 1.55 -1.38 8.34
C TRP A 38 1.80 -2.58 7.44
N TRP A 39 1.26 -2.55 6.23
CA TRP A 39 1.47 -3.61 5.27
C TRP A 39 2.55 -3.19 4.29
N ASN A 40 3.09 -4.14 3.52
CA ASN A 40 4.13 -3.85 2.55
C ASN A 40 3.65 -4.31 1.19
N GLY A 41 4.11 -3.64 0.13
CA GLY A 41 3.70 -3.99 -1.21
C GLY A 41 4.52 -3.26 -2.25
N GLU A 42 4.20 -3.48 -3.52
CA GLU A 42 4.89 -2.86 -4.63
C GLU A 42 3.88 -2.18 -5.55
N ILE A 43 4.29 -1.09 -6.19
CA ILE A 43 3.44 -0.35 -7.12
C ILE A 43 4.32 0.35 -8.15
N GLY A 44 3.89 0.33 -9.41
CA GLY A 44 4.62 0.97 -10.49
C GLY A 44 6.06 0.45 -10.54
N ASN A 45 7.02 1.30 -10.15
CA ASN A 45 8.43 0.96 -10.19
C ASN A 45 9.07 0.93 -8.80
N ARG A 46 8.27 1.10 -7.73
CA ARG A 46 8.82 1.15 -6.37
C ARG A 46 8.01 0.29 -5.41
N LYS A 47 8.50 0.21 -4.16
CA LYS A 47 7.88 -0.56 -3.10
C LYS A 47 8.20 0.06 -1.74
N GLY A 48 7.50 -0.38 -0.70
CA GLY A 48 7.70 0.10 0.65
C GLY A 48 6.46 -0.17 1.49
N ILE A 49 6.53 0.13 2.79
CA ILE A 49 5.39 -0.06 3.69
C ILE A 49 4.43 1.12 3.57
N PHE A 50 3.21 0.94 4.06
CA PHE A 50 2.20 1.98 4.04
C PHE A 50 1.18 1.71 5.16
N PRO A 51 0.47 2.76 5.61
CA PRO A 51 -0.52 2.63 6.66
C PRO A 51 -1.74 1.88 6.14
N ALA A 52 -2.18 0.86 6.88
CA ALA A 52 -3.31 0.05 6.49
C ALA A 52 -4.63 0.82 6.64
N THR A 53 -4.66 1.83 7.53
CA THR A 53 -5.86 2.61 7.79
C THR A 53 -6.14 3.60 6.65
N TYR A 54 -5.25 3.66 5.65
CA TYR A 54 -5.38 4.58 4.53
C TYR A 54 -5.87 3.86 3.27
N VAL A 55 -6.03 2.53 3.34
CA VAL A 55 -6.45 1.74 2.20
C VAL A 55 -7.62 0.83 2.56
N THR A 56 -8.23 0.21 1.56
CA THR A 56 -9.32 -0.73 1.74
C THR A 56 -8.93 -2.05 1.07
N PRO A 57 -9.32 -3.19 1.65
CA PRO A 57 -9.00 -4.50 1.13
C PRO A 57 -9.81 -4.77 -0.14
N TYR A 58 -9.16 -4.65 -1.30
CA TYR A 58 -9.82 -4.93 -2.56
C TYR A 58 -9.96 -6.45 -2.73
N HIS A 59 -10.67 -6.88 -3.78
CA HIS A 59 -10.86 -8.29 -4.03
C HIS A 59 -9.52 -8.94 -4.38
N SER A 60 -8.96 -9.74 -3.46
CA SER A 60 -7.69 -10.40 -3.67
C SER A 60 -7.77 -11.35 -4.86
N GLY A 1 0.38 -17.89 -2.28
CA GLY A 1 0.56 -16.62 -3.00
C GLY A 1 -0.30 -15.53 -2.40
N GLU A 2 0.32 -14.44 -1.93
CA GLU A 2 -0.40 -13.32 -1.34
C GLU A 2 -0.99 -12.48 -2.46
N GLU A 3 -2.12 -12.92 -3.00
CA GLU A 3 -2.81 -12.23 -4.10
C GLU A 3 -3.60 -11.03 -3.58
N MET A 4 -3.53 -10.76 -2.28
CA MET A 4 -4.25 -9.65 -1.68
C MET A 4 -3.68 -8.32 -2.18
N LEU A 5 -4.56 -7.38 -2.50
CA LEU A 5 -4.18 -6.05 -2.94
C LEU A 5 -5.06 -5.03 -2.21
N VAL A 6 -4.59 -3.79 -2.13
CA VAL A 6 -5.30 -2.75 -1.41
C VAL A 6 -5.40 -1.48 -2.24
N GLN A 7 -6.41 -0.64 -1.95
CA GLN A 7 -6.67 0.57 -2.73
C GLN A 7 -6.84 1.77 -1.79
N ALA A 8 -6.20 2.89 -2.15
CA ALA A 8 -6.24 4.13 -1.38
C ALA A 8 -7.52 4.92 -1.66
N LEU A 9 -8.09 5.54 -0.62
CA LEU A 9 -9.33 6.29 -0.74
C LEU A 9 -9.09 7.79 -0.92
N TYR A 10 -7.95 8.30 -0.43
CA TYR A 10 -7.67 9.73 -0.48
C TYR A 10 -6.23 10.00 -0.90
N ASP A 11 -5.89 11.28 -1.09
CA ASP A 11 -4.54 11.71 -1.44
C ASP A 11 -3.61 11.48 -0.25
N PHE A 12 -2.31 11.42 -0.51
CA PHE A 12 -1.32 11.20 0.55
C PHE A 12 0.05 11.63 0.05
N VAL A 13 0.84 12.28 0.92
CA VAL A 13 2.17 12.73 0.56
C VAL A 13 3.15 12.43 1.70
N PRO A 14 3.70 11.21 1.75
CA PRO A 14 4.69 10.81 2.72
C PRO A 14 6.02 11.43 2.29
N GLN A 15 6.22 12.70 2.64
CA GLN A 15 7.41 13.44 2.23
C GLN A 15 8.68 12.83 2.82
N GLU A 16 8.56 12.03 3.89
CA GLU A 16 9.71 11.38 4.49
C GLU A 16 9.94 10.04 3.80
N SER A 17 11.19 9.76 3.42
CA SER A 17 11.51 8.52 2.73
C SER A 17 11.31 7.33 3.66
N GLY A 18 11.19 6.14 3.06
CA GLY A 18 10.97 4.91 3.81
C GLY A 18 9.55 4.39 3.62
N GLU A 19 8.72 5.16 2.90
CA GLU A 19 7.35 4.77 2.62
C GLU A 19 7.12 4.84 1.12
N LEU A 20 6.04 4.20 0.65
CA LEU A 20 5.72 4.19 -0.76
C LEU A 20 5.22 5.57 -1.19
N ASP A 21 5.41 5.88 -2.46
CA ASP A 21 4.96 7.12 -3.06
C ASP A 21 3.96 6.79 -4.16
N PHE A 22 2.72 7.27 -3.99
CA PHE A 22 1.61 6.98 -4.89
C PHE A 22 0.60 8.12 -4.82
N ARG A 23 -0.53 7.99 -5.54
CA ARG A 23 -1.58 8.99 -5.52
C ARG A 23 -2.92 8.31 -5.31
N ARG A 24 -3.97 9.11 -5.07
CA ARG A 24 -5.28 8.56 -4.82
C ARG A 24 -5.73 7.71 -6.01
N GLY A 25 -6.45 6.62 -5.74
CA GLY A 25 -6.98 5.77 -6.79
C GLY A 25 -6.01 4.66 -7.17
N ASP A 26 -4.76 4.74 -6.73
CA ASP A 26 -3.78 3.70 -7.03
C ASP A 26 -4.03 2.47 -6.16
N VAL A 27 -3.60 1.30 -6.66
CA VAL A 27 -3.72 0.03 -5.97
C VAL A 27 -2.32 -0.53 -5.73
N ILE A 28 -2.10 -1.21 -4.59
CA ILE A 28 -0.80 -1.77 -4.26
C ILE A 28 -0.92 -3.29 -4.14
N THR A 29 0.05 -4.00 -4.71
CA THR A 29 0.11 -5.45 -4.65
C THR A 29 0.84 -5.84 -3.37
N VAL A 30 0.08 -6.27 -2.35
CA VAL A 30 0.64 -6.61 -1.05
C VAL A 30 1.37 -7.95 -1.13
N THR A 31 2.45 -8.08 -0.35
CA THR A 31 3.23 -9.32 -0.32
C THR A 31 3.33 -9.86 1.11
N ASP A 32 3.07 -9.02 2.12
CA ASP A 32 3.10 -9.45 3.51
C ASP A 32 2.03 -8.72 4.30
N ARG A 33 1.65 -9.31 5.44
CA ARG A 33 0.64 -8.75 6.34
C ARG A 33 1.16 -8.74 7.77
N SER A 34 2.48 -8.84 7.93
CA SER A 34 3.14 -8.90 9.23
C SER A 34 2.54 -7.88 10.21
N ASP A 35 2.78 -6.60 9.99
CA ASP A 35 2.22 -5.56 10.86
C ASP A 35 0.72 -5.42 10.54
N GLU A 36 -0.09 -5.18 11.58
CA GLU A 36 -1.52 -4.99 11.41
C GLU A 36 -1.83 -3.52 11.14
N ASN A 37 -0.84 -2.64 11.30
CA ASN A 37 -1.00 -1.21 11.12
C ASN A 37 -0.32 -0.72 9.84
N TRP A 38 0.58 -1.53 9.27
CA TRP A 38 1.29 -1.17 8.06
C TRP A 38 1.51 -2.44 7.24
N TRP A 39 1.63 -2.31 5.92
CA TRP A 39 1.86 -3.46 5.06
C TRP A 39 2.95 -3.15 4.04
N ASN A 40 3.46 -4.19 3.38
CA ASN A 40 4.52 -4.06 2.40
C ASN A 40 4.03 -4.58 1.05
N GLY A 41 4.50 -3.98 -0.04
CA GLY A 41 4.09 -4.38 -1.37
C GLY A 41 4.80 -3.55 -2.44
N GLU A 42 4.53 -3.85 -3.71
CA GLU A 42 5.14 -3.14 -4.82
C GLU A 42 4.06 -2.44 -5.63
N ILE A 43 4.44 -1.37 -6.33
CA ILE A 43 3.56 -0.60 -7.19
C ILE A 43 4.39 0.07 -8.28
N GLY A 44 3.89 0.06 -9.52
CA GLY A 44 4.59 0.67 -10.64
C GLY A 44 6.02 0.14 -10.73
N ASN A 45 7.01 1.02 -10.47
CA ASN A 45 8.42 0.68 -10.53
C ASN A 45 9.09 0.79 -9.18
N ARG A 46 8.32 0.92 -8.10
CA ARG A 46 8.88 1.11 -6.77
C ARG A 46 8.19 0.22 -5.74
N LYS A 47 8.72 0.17 -4.52
CA LYS A 47 8.15 -0.62 -3.45
C LYS A 47 8.44 0.01 -2.10
N GLY A 48 7.78 -0.47 -1.04
CA GLY A 48 7.98 0.03 0.31
C GLY A 48 6.73 -0.21 1.14
N ILE A 49 6.78 0.19 2.41
CA ILE A 49 5.65 -0.01 3.31
C ILE A 49 4.69 1.18 3.22
N PHE A 50 3.48 0.99 3.72
CA PHE A 50 2.46 2.02 3.72
C PHE A 50 1.46 1.74 4.87
N PRO A 51 0.71 2.76 5.32
CA PRO A 51 -0.26 2.62 6.39
C PRO A 51 -1.41 1.72 5.94
N ALA A 52 -1.67 0.65 6.69
CA ALA A 52 -2.71 -0.32 6.36
C ALA A 52 -4.11 0.28 6.51
N THR A 53 -4.28 1.25 7.41
CA THR A 53 -5.59 1.85 7.65
C THR A 53 -5.93 2.88 6.57
N TYR A 54 -4.92 3.33 5.81
CA TYR A 54 -5.10 4.31 4.75
C TYR A 54 -5.70 3.65 3.50
N VAL A 55 -5.85 2.33 3.50
CA VAL A 55 -6.35 1.60 2.35
C VAL A 55 -7.47 0.65 2.76
N THR A 56 -8.14 0.06 1.76
CA THR A 56 -9.21 -0.90 1.98
C THR A 56 -8.82 -2.24 1.32
N PRO A 57 -9.16 -3.37 1.97
CA PRO A 57 -8.86 -4.69 1.47
C PRO A 57 -9.74 -4.99 0.26
N TYR A 58 -9.19 -4.78 -0.94
CA TYR A 58 -9.91 -4.99 -2.18
C TYR A 58 -10.11 -6.49 -2.45
N HIS A 59 -10.92 -6.80 -3.46
CA HIS A 59 -11.22 -8.17 -3.85
C HIS A 59 -9.95 -8.84 -4.35
N SER A 60 -9.41 -9.78 -3.57
CA SER A 60 -8.20 -10.52 -3.92
C SER A 60 -8.43 -11.32 -5.20
N GLY A 1 1.04 -18.77 -3.23
CA GLY A 1 1.51 -17.51 -2.65
C GLY A 1 0.37 -16.56 -2.38
N GLU A 2 0.65 -15.42 -1.75
CA GLU A 2 -0.36 -14.41 -1.45
C GLU A 2 -0.86 -13.78 -2.75
N GLU A 3 -1.95 -13.02 -2.66
CA GLU A 3 -2.57 -12.40 -3.84
C GLU A 3 -3.40 -11.18 -3.45
N MET A 4 -3.38 -10.77 -2.18
CA MET A 4 -4.18 -9.66 -1.72
C MET A 4 -3.63 -8.34 -2.26
N LEU A 5 -4.54 -7.42 -2.58
CA LEU A 5 -4.21 -6.09 -3.06
C LEU A 5 -5.13 -5.09 -2.36
N VAL A 6 -4.72 -3.81 -2.30
CA VAL A 6 -5.49 -2.79 -1.60
C VAL A 6 -5.58 -1.51 -2.42
N GLN A 7 -6.54 -0.64 -2.09
CA GLN A 7 -6.76 0.61 -2.82
C GLN A 7 -6.82 1.79 -1.85
N ALA A 8 -6.34 2.94 -2.32
CA ALA A 8 -6.30 4.18 -1.55
C ALA A 8 -7.66 4.89 -1.57
N LEU A 9 -8.05 5.49 -0.44
CA LEU A 9 -9.31 6.20 -0.31
C LEU A 9 -9.12 7.71 -0.42
N TYR A 10 -7.91 8.20 -0.09
CA TYR A 10 -7.61 9.62 -0.10
C TYR A 10 -6.23 9.85 -0.68
N ASP A 11 -5.85 11.12 -0.87
CA ASP A 11 -4.53 11.45 -1.39
C ASP A 11 -3.50 11.40 -0.26
N PHE A 12 -2.24 11.20 -0.63
CA PHE A 12 -1.13 11.12 0.32
C PHE A 12 0.17 11.29 -0.44
N VAL A 13 1.13 12.01 0.15
CA VAL A 13 2.44 12.18 -0.47
C VAL A 13 3.51 12.10 0.63
N PRO A 14 4.33 11.04 0.60
CA PRO A 14 5.36 10.83 1.60
C PRO A 14 6.52 11.79 1.39
N GLN A 15 6.48 12.95 2.04
CA GLN A 15 7.55 13.94 1.95
C GLN A 15 8.76 13.47 2.75
N GLU A 16 8.64 12.32 3.43
CA GLU A 16 9.70 11.73 4.21
C GLU A 16 9.90 10.30 3.70
N SER A 17 11.15 9.95 3.37
CA SER A 17 11.47 8.63 2.85
C SER A 17 11.13 7.57 3.89
N GLY A 18 10.95 6.33 3.42
CA GLY A 18 10.61 5.21 4.27
C GLY A 18 9.16 4.76 4.03
N GLU A 19 8.43 5.46 3.17
CA GLU A 19 7.05 5.11 2.84
C GLU A 19 6.93 4.92 1.33
N LEU A 20 5.86 4.25 0.90
CA LEU A 20 5.62 3.97 -0.51
C LEU A 20 4.96 5.17 -1.18
N ASP A 21 5.54 5.66 -2.28
CA ASP A 21 4.99 6.77 -3.04
C ASP A 21 3.83 6.26 -3.90
N PHE A 22 2.67 6.90 -3.78
CA PHE A 22 1.49 6.55 -4.55
C PHE A 22 0.53 7.74 -4.56
N ARG A 23 -0.51 7.68 -5.39
CA ARG A 23 -1.50 8.76 -5.49
C ARG A 23 -2.87 8.18 -5.18
N ARG A 24 -3.88 9.05 -4.98
CA ARG A 24 -5.22 8.58 -4.66
C ARG A 24 -5.75 7.73 -5.81
N GLY A 25 -6.50 6.68 -5.46
CA GLY A 25 -7.13 5.80 -6.43
C GLY A 25 -6.22 4.67 -6.92
N ASP A 26 -4.91 4.75 -6.62
CA ASP A 26 -3.97 3.71 -7.04
C ASP A 26 -4.18 2.44 -6.22
N VAL A 27 -3.76 1.31 -6.78
CA VAL A 27 -3.85 0.00 -6.16
C VAL A 27 -2.44 -0.52 -5.89
N ILE A 28 -2.25 -1.23 -4.77
CA ILE A 28 -0.96 -1.77 -4.38
C ILE A 28 -1.06 -3.28 -4.19
N THR A 29 -0.09 -4.01 -4.73
CA THR A 29 -0.02 -5.45 -4.62
C THR A 29 0.72 -5.81 -3.33
N VAL A 30 -0.02 -6.22 -2.30
CA VAL A 30 0.54 -6.53 -0.99
C VAL A 30 1.35 -7.82 -1.03
N THR A 31 2.41 -7.91 -0.21
CA THR A 31 3.26 -9.08 -0.15
C THR A 31 3.53 -9.52 1.29
N ASP A 32 3.25 -8.64 2.27
CA ASP A 32 3.48 -8.95 3.67
C ASP A 32 2.36 -8.36 4.52
N ARG A 33 1.94 -9.09 5.56
CA ARG A 33 0.87 -8.68 6.45
C ARG A 33 1.29 -8.85 7.91
N SER A 34 2.60 -8.91 8.18
CA SER A 34 3.12 -9.10 9.52
C SER A 34 2.62 -8.00 10.45
N ASP A 35 2.68 -6.73 10.01
CA ASP A 35 2.20 -5.62 10.81
C ASP A 35 0.73 -5.39 10.48
N GLU A 36 -0.12 -5.23 11.49
CA GLU A 36 -1.53 -5.00 11.28
C GLU A 36 -1.81 -3.50 11.11
N ASN A 37 -0.78 -2.67 11.21
CA ASN A 37 -0.94 -1.22 11.11
C ASN A 37 -0.23 -0.68 9.86
N TRP A 38 0.64 -1.49 9.25
CA TRP A 38 1.35 -1.11 8.04
C TRP A 38 1.57 -2.36 7.21
N TRP A 39 1.53 -2.24 5.88
CA TRP A 39 1.72 -3.35 4.99
C TRP A 39 2.76 -2.99 3.95
N ASN A 40 3.28 -4.00 3.24
CA ASN A 40 4.29 -3.80 2.21
C ASN A 40 3.79 -4.38 0.90
N GLY A 41 4.29 -3.88 -0.22
CA GLY A 41 3.88 -4.32 -1.53
C GLY A 41 4.66 -3.57 -2.61
N GLU A 42 4.30 -3.79 -3.87
CA GLU A 42 4.98 -3.14 -4.98
C GLU A 42 3.94 -2.44 -5.86
N ILE A 43 4.36 -1.36 -6.53
CA ILE A 43 3.51 -0.62 -7.44
C ILE A 43 4.39 0.07 -8.48
N GLY A 44 4.07 -0.10 -9.76
CA GLY A 44 4.82 0.49 -10.85
C GLY A 44 6.29 0.10 -10.81
N ASN A 45 7.16 1.06 -10.46
CA ASN A 45 8.60 0.86 -10.44
C ASN A 45 9.16 1.00 -9.02
N ARG A 46 8.31 0.98 -7.99
CA ARG A 46 8.80 1.17 -6.64
C ARG A 46 8.06 0.29 -5.64
N LYS A 47 8.60 0.21 -4.41
CA LYS A 47 8.01 -0.58 -3.34
C LYS A 47 8.36 0.04 -1.99
N GLY A 48 7.69 -0.40 -0.93
CA GLY A 48 7.92 0.11 0.42
C GLY A 48 6.68 -0.11 1.28
N ILE A 49 6.78 0.20 2.57
CA ILE A 49 5.65 0.03 3.48
C ILE A 49 4.70 1.21 3.37
N PHE A 50 3.47 1.01 3.85
CA PHE A 50 2.44 2.04 3.85
C PHE A 50 1.43 1.76 4.96
N PRO A 51 0.70 2.79 5.42
CA PRO A 51 -0.28 2.64 6.49
C PRO A 51 -1.42 1.74 6.03
N ALA A 52 -1.72 0.71 6.82
CA ALA A 52 -2.76 -0.26 6.49
C ALA A 52 -4.16 0.35 6.62
N THR A 53 -4.33 1.31 7.54
CA THR A 53 -5.62 1.94 7.77
C THR A 53 -5.98 2.90 6.63
N TYR A 54 -4.96 3.33 5.88
CA TYR A 54 -5.13 4.28 4.79
C TYR A 54 -5.69 3.60 3.52
N VAL A 55 -5.83 2.27 3.54
CA VAL A 55 -6.30 1.55 2.37
C VAL A 55 -7.49 0.65 2.72
N THR A 56 -8.14 0.11 1.70
CA THR A 56 -9.26 -0.80 1.88
C THR A 56 -8.91 -2.15 1.25
N PRO A 57 -9.33 -3.26 1.88
CA PRO A 57 -9.06 -4.60 1.41
C PRO A 57 -9.90 -4.88 0.16
N TYR A 58 -9.25 -4.88 -1.01
CA TYR A 58 -9.94 -5.16 -2.26
C TYR A 58 -10.02 -6.67 -2.45
N HIS A 59 -10.89 -7.13 -3.36
CA HIS A 59 -11.06 -8.56 -3.59
C HIS A 59 -10.04 -9.02 -4.64
N SER A 60 -9.44 -10.19 -4.42
CA SER A 60 -8.46 -10.75 -5.32
C SER A 60 -9.12 -11.33 -6.56
N GLY A 1 0.35 -18.14 -3.02
CA GLY A 1 0.95 -17.14 -2.13
C GLY A 1 0.02 -15.96 -1.94
N GLU A 2 0.53 -14.86 -1.37
CA GLU A 2 -0.25 -13.66 -1.14
C GLU A 2 -0.51 -12.98 -2.48
N GLU A 3 -1.78 -12.73 -2.80
CA GLU A 3 -2.15 -12.06 -4.04
C GLU A 3 -3.10 -10.91 -3.75
N MET A 4 -3.42 -10.69 -2.47
CA MET A 4 -4.33 -9.62 -2.08
C MET A 4 -3.73 -8.27 -2.46
N LEU A 5 -4.60 -7.34 -2.84
CA LEU A 5 -4.21 -5.99 -3.23
C LEU A 5 -5.14 -5.00 -2.54
N VAL A 6 -4.71 -3.74 -2.43
CA VAL A 6 -5.48 -2.72 -1.74
C VAL A 6 -5.57 -1.46 -2.59
N GLN A 7 -6.52 -0.58 -2.26
CA GLN A 7 -6.75 0.65 -3.02
C GLN A 7 -6.82 1.84 -2.06
N ALA A 8 -6.33 3.00 -2.51
CA ALA A 8 -6.31 4.21 -1.72
C ALA A 8 -7.66 4.93 -1.73
N LEU A 9 -8.07 5.47 -0.58
CA LEU A 9 -9.32 6.19 -0.47
C LEU A 9 -9.10 7.67 -0.79
N TYR A 10 -7.89 8.18 -0.50
CA TYR A 10 -7.53 9.57 -0.73
C TYR A 10 -6.10 9.65 -1.22
N ASP A 11 -5.64 10.84 -1.61
CA ASP A 11 -4.27 11.02 -2.08
C ASP A 11 -3.32 11.14 -0.88
N PHE A 12 -2.02 10.93 -1.13
CA PHE A 12 -1.01 10.98 -0.09
C PHE A 12 0.31 11.45 -0.70
N VAL A 13 1.08 12.22 0.07
CA VAL A 13 2.37 12.73 -0.36
C VAL A 13 3.39 12.43 0.75
N PRO A 14 4.08 11.29 0.65
CA PRO A 14 5.07 10.90 1.64
C PRO A 14 6.30 11.79 1.53
N GLN A 15 6.34 12.87 2.31
CA GLN A 15 7.46 13.78 2.30
C GLN A 15 8.63 13.21 3.12
N GLU A 16 8.46 12.01 3.68
CA GLU A 16 9.49 11.35 4.45
C GLU A 16 9.84 10.02 3.76
N SER A 17 11.12 9.87 3.42
CA SER A 17 11.61 8.69 2.72
C SER A 17 11.40 7.43 3.55
N GLY A 18 11.29 6.29 2.87
CA GLY A 18 11.12 4.99 3.50
C GLY A 18 9.70 4.47 3.28
N GLU A 19 8.76 5.38 3.09
CA GLU A 19 7.37 5.00 2.84
C GLU A 19 7.14 4.85 1.35
N LEU A 20 6.05 4.17 0.98
CA LEU A 20 5.71 3.94 -0.41
C LEU A 20 5.00 5.15 -0.99
N ASP A 21 5.21 5.42 -2.28
CA ASP A 21 4.58 6.55 -2.97
C ASP A 21 3.38 6.06 -3.77
N PHE A 22 2.31 6.86 -3.79
CA PHE A 22 1.10 6.56 -4.53
C PHE A 22 0.16 7.76 -4.48
N ARG A 23 -0.97 7.66 -5.20
CA ARG A 23 -1.97 8.71 -5.26
C ARG A 23 -3.35 8.06 -5.13
N ARG A 24 -4.41 8.87 -5.03
CA ARG A 24 -5.75 8.32 -4.90
C ARG A 24 -6.10 7.53 -6.16
N GLY A 25 -6.81 6.42 -6.00
CA GLY A 25 -7.23 5.59 -7.12
C GLY A 25 -6.18 4.56 -7.50
N ASP A 26 -4.94 4.72 -7.00
CA ASP A 26 -3.88 3.77 -7.29
C ASP A 26 -4.09 2.50 -6.47
N VAL A 27 -3.60 1.38 -6.98
CA VAL A 27 -3.72 0.08 -6.34
C VAL A 27 -2.33 -0.43 -5.96
N ILE A 28 -2.21 -1.11 -4.82
CA ILE A 28 -0.94 -1.63 -4.33
C ILE A 28 -1.04 -3.14 -4.17
N THR A 29 0.00 -3.85 -4.62
CA THR A 29 0.06 -5.30 -4.52
C THR A 29 0.72 -5.67 -3.19
N VAL A 30 -0.08 -6.10 -2.21
CA VAL A 30 0.43 -6.47 -0.90
C VAL A 30 1.23 -7.77 -1.03
N THR A 31 2.28 -7.94 -0.21
CA THR A 31 3.10 -9.14 -0.27
C THR A 31 3.18 -9.82 1.09
N ASP A 32 2.86 -9.10 2.18
CA ASP A 32 2.91 -9.69 3.51
C ASP A 32 1.98 -8.96 4.47
N ARG A 33 1.78 -9.55 5.65
CA ARG A 33 0.95 -8.99 6.71
C ARG A 33 1.72 -9.04 8.02
N SER A 34 3.05 -8.88 7.94
CA SER A 34 3.94 -8.96 9.09
C SER A 34 3.52 -8.01 10.22
N ASP A 35 2.68 -7.02 9.92
CA ASP A 35 2.19 -6.09 10.93
C ASP A 35 0.69 -5.90 10.72
N GLU A 36 -0.05 -5.64 11.80
CA GLU A 36 -1.49 -5.46 11.73
C GLU A 36 -1.89 -4.00 11.46
N ASN A 37 -0.91 -3.09 11.39
CA ASN A 37 -1.19 -1.67 11.18
C ASN A 37 -0.42 -1.10 9.98
N TRP A 38 0.54 -1.86 9.45
CA TRP A 38 1.31 -1.44 8.29
C TRP A 38 1.59 -2.67 7.44
N TRP A 39 1.84 -2.48 6.15
CA TRP A 39 2.11 -3.59 5.24
C TRP A 39 3.18 -3.19 4.23
N ASN A 40 3.71 -4.18 3.51
CA ASN A 40 4.71 -3.96 2.47
C ASN A 40 4.15 -4.49 1.16
N GLY A 41 4.67 -3.99 0.03
CA GLY A 41 4.19 -4.42 -1.27
C GLY A 41 4.95 -3.70 -2.37
N GLU A 42 4.51 -3.91 -3.62
CA GLU A 42 5.12 -3.28 -4.78
C GLU A 42 4.03 -2.59 -5.61
N ILE A 43 4.41 -1.51 -6.29
CA ILE A 43 3.50 -0.76 -7.15
C ILE A 43 4.33 -0.05 -8.23
N GLY A 44 3.84 -0.07 -9.46
CA GLY A 44 4.53 0.58 -10.56
C GLY A 44 5.97 0.13 -10.63
N ASN A 45 6.91 1.04 -10.35
CA ASN A 45 8.34 0.77 -10.41
C ASN A 45 9.01 0.95 -9.04
N ARG A 46 8.24 0.99 -7.96
CA ARG A 46 8.80 1.20 -6.63
C ARG A 46 8.22 0.24 -5.61
N LYS A 47 8.82 0.22 -4.41
CA LYS A 47 8.41 -0.63 -3.31
C LYS A 47 8.52 0.15 -2.01
N GLY A 48 7.93 -0.38 -0.93
CA GLY A 48 8.01 0.28 0.37
C GLY A 48 6.84 -0.13 1.25
N ILE A 49 6.83 0.38 2.48
CA ILE A 49 5.77 0.11 3.43
C ILE A 49 4.72 1.21 3.37
N PHE A 50 3.53 0.94 3.89
CA PHE A 50 2.46 1.92 3.91
C PHE A 50 1.48 1.61 5.04
N PRO A 51 0.74 2.63 5.51
CA PRO A 51 -0.23 2.48 6.58
C PRO A 51 -1.41 1.63 6.12
N ALA A 52 -1.88 0.73 6.99
CA ALA A 52 -2.98 -0.17 6.67
C ALA A 52 -4.33 0.54 6.63
N THR A 53 -4.51 1.56 7.48
CA THR A 53 -5.78 2.27 7.55
C THR A 53 -5.97 3.20 6.35
N TYR A 54 -4.88 3.52 5.65
CA TYR A 54 -4.93 4.41 4.50
C TYR A 54 -5.50 3.68 3.27
N VAL A 55 -5.65 2.34 3.35
CA VAL A 55 -6.11 1.56 2.22
C VAL A 55 -7.28 0.67 2.65
N THR A 56 -7.92 0.01 1.67
CA THR A 56 -9.02 -0.90 1.94
C THR A 56 -8.72 -2.25 1.29
N PRO A 57 -9.12 -3.36 1.93
CA PRO A 57 -8.92 -4.71 1.42
C PRO A 57 -9.79 -4.94 0.20
N TYR A 58 -9.21 -4.76 -0.99
CA TYR A 58 -9.91 -4.96 -2.24
C TYR A 58 -10.13 -6.45 -2.47
N HIS A 59 -10.94 -6.79 -3.48
CA HIS A 59 -11.25 -8.17 -3.79
C HIS A 59 -10.01 -8.86 -4.35
N SER A 60 -9.44 -9.79 -3.58
CA SER A 60 -8.24 -10.53 -3.98
C SER A 60 -8.56 -11.40 -5.19
N GLY A 1 1.16 -17.16 0.58
CA GLY A 1 0.09 -16.96 -0.40
C GLY A 1 -0.54 -15.58 -0.24
N GLU A 2 0.19 -14.55 -0.66
CA GLU A 2 -0.27 -13.17 -0.58
C GLU A 2 -0.42 -12.63 -2.00
N GLU A 3 -1.65 -12.54 -2.49
CA GLU A 3 -1.93 -12.05 -3.83
C GLU A 3 -2.91 -10.89 -3.77
N MET A 4 -3.44 -10.61 -2.57
CA MET A 4 -4.40 -9.55 -2.36
C MET A 4 -3.80 -8.20 -2.69
N LEU A 5 -4.67 -7.24 -3.06
CA LEU A 5 -4.27 -5.90 -3.38
C LEU A 5 -5.21 -4.93 -2.68
N VAL A 6 -4.75 -3.70 -2.46
CA VAL A 6 -5.54 -2.69 -1.76
C VAL A 6 -5.61 -1.42 -2.59
N GLN A 7 -6.53 -0.53 -2.25
CA GLN A 7 -6.70 0.72 -2.98
C GLN A 7 -6.72 1.89 -2.00
N ALA A 8 -6.21 3.04 -2.46
CA ALA A 8 -6.16 4.26 -1.66
C ALA A 8 -7.57 4.79 -1.45
N LEU A 9 -7.83 5.32 -0.25
CA LEU A 9 -9.14 5.90 0.07
C LEU A 9 -9.07 7.43 -0.01
N TYR A 10 -7.88 8.00 0.16
CA TYR A 10 -7.66 9.44 0.12
C TYR A 10 -6.30 9.73 -0.51
N ASP A 11 -5.97 10.99 -0.73
CA ASP A 11 -4.67 11.36 -1.29
C ASP A 11 -3.58 11.10 -0.25
N PHE A 12 -2.33 11.00 -0.69
CA PHE A 12 -1.22 10.73 0.21
C PHE A 12 0.09 11.12 -0.46
N VAL A 13 0.95 11.87 0.25
CA VAL A 13 2.25 12.26 -0.26
C VAL A 13 3.29 12.18 0.86
N PRO A 14 3.93 11.02 1.04
CA PRO A 14 4.92 10.81 2.07
C PRO A 14 6.17 11.61 1.74
N GLN A 15 6.41 12.70 2.48
CA GLN A 15 7.57 13.53 2.25
C GLN A 15 8.83 12.78 2.64
N GLU A 16 8.76 12.03 3.76
CA GLU A 16 9.90 11.29 4.25
C GLU A 16 9.98 9.93 3.56
N SER A 17 11.18 9.38 3.49
CA SER A 17 11.46 8.11 2.84
C SER A 17 11.01 6.96 3.73
N GLY A 18 10.83 5.77 3.14
CA GLY A 18 10.45 4.58 3.86
C GLY A 18 9.02 4.17 3.55
N GLU A 19 8.29 4.96 2.76
CA GLU A 19 6.92 4.65 2.40
C GLU A 19 6.76 4.64 0.88
N LEU A 20 5.67 4.03 0.40
CA LEU A 20 5.38 3.93 -1.02
C LEU A 20 4.91 5.29 -1.56
N ASP A 21 5.14 5.55 -2.85
CA ASP A 21 4.74 6.82 -3.47
C ASP A 21 3.70 6.56 -4.56
N PHE A 22 2.51 7.14 -4.39
CA PHE A 22 1.38 6.99 -5.31
C PHE A 22 0.36 8.09 -5.04
N ARG A 23 -0.79 8.05 -5.72
CA ARG A 23 -1.86 9.04 -5.53
C ARG A 23 -3.18 8.32 -5.25
N ARG A 24 -4.23 9.05 -4.86
CA ARG A 24 -5.51 8.41 -4.56
C ARG A 24 -6.05 7.72 -5.81
N GLY A 25 -6.71 6.59 -5.62
CA GLY A 25 -7.30 5.83 -6.71
C GLY A 25 -6.33 4.77 -7.21
N ASP A 26 -5.05 4.88 -6.84
CA ASP A 26 -4.06 3.90 -7.25
C ASP A 26 -4.24 2.63 -6.44
N VAL A 27 -3.78 1.51 -6.98
CA VAL A 27 -3.89 0.21 -6.33
C VAL A 27 -2.48 -0.31 -6.01
N ILE A 28 -2.34 -0.98 -4.86
CA ILE A 28 -1.06 -1.52 -4.42
C ILE A 28 -1.18 -3.01 -4.21
N THR A 29 -0.32 -3.78 -4.88
CA THR A 29 -0.30 -5.22 -4.75
C THR A 29 0.43 -5.58 -3.45
N VAL A 30 -0.31 -6.03 -2.43
CA VAL A 30 0.26 -6.37 -1.14
C VAL A 30 1.11 -7.63 -1.30
N THR A 31 2.18 -7.76 -0.51
CA THR A 31 3.06 -8.92 -0.60
C THR A 31 3.25 -9.56 0.78
N ASP A 32 2.88 -8.87 1.86
CA ASP A 32 3.02 -9.46 3.19
C ASP A 32 2.10 -8.75 4.20
N ARG A 33 1.92 -9.36 5.37
CA ARG A 33 1.08 -8.85 6.44
C ARG A 33 1.82 -8.89 7.79
N SER A 34 3.12 -8.54 7.77
CA SER A 34 3.97 -8.58 8.94
C SER A 34 3.38 -7.78 10.11
N ASP A 35 2.64 -6.71 9.82
CA ASP A 35 2.04 -5.86 10.86
C ASP A 35 0.58 -5.62 10.52
N GLU A 36 -0.22 -5.34 11.55
CA GLU A 36 -1.63 -5.05 11.37
C GLU A 36 -1.85 -3.55 11.13
N ASN A 37 -0.80 -2.74 11.30
CA ASN A 37 -0.88 -1.30 11.15
C ASN A 37 -0.08 -0.83 9.95
N TRP A 38 0.71 -1.72 9.34
CA TRP A 38 1.51 -1.41 8.17
C TRP A 38 1.57 -2.65 7.29
N TRP A 39 1.56 -2.46 5.97
CA TRP A 39 1.67 -3.55 5.03
C TRP A 39 2.73 -3.21 4.00
N ASN A 40 3.19 -4.21 3.26
CA ASN A 40 4.23 -4.05 2.26
C ASN A 40 3.66 -4.41 0.89
N GLY A 41 4.19 -3.81 -0.17
CA GLY A 41 3.73 -4.05 -1.52
C GLY A 41 4.58 -3.25 -2.50
N GLU A 42 4.19 -3.29 -3.78
CA GLU A 42 4.93 -2.58 -4.82
C GLU A 42 3.97 -1.87 -5.76
N ILE A 43 4.44 -0.81 -6.40
CA ILE A 43 3.66 -0.07 -7.39
C ILE A 43 4.61 0.55 -8.40
N GLY A 44 4.26 0.49 -9.68
CA GLY A 44 5.08 1.06 -10.74
C GLY A 44 6.49 0.48 -10.71
N ASN A 45 7.46 1.31 -10.31
CA ASN A 45 8.86 0.94 -10.26
C ASN A 45 9.43 1.02 -8.83
N ARG A 46 8.57 1.05 -7.81
CA ARG A 46 9.05 1.18 -6.44
C ARG A 46 8.29 0.29 -5.46
N LYS A 47 8.80 0.21 -4.23
CA LYS A 47 8.21 -0.54 -3.14
C LYS A 47 8.33 0.24 -1.84
N GLY A 48 7.64 -0.20 -0.79
CA GLY A 48 7.70 0.44 0.51
C GLY A 48 6.46 0.09 1.31
N ILE A 49 6.51 0.28 2.62
CA ILE A 49 5.38 0.01 3.48
C ILE A 49 4.41 1.19 3.46
N PHE A 50 3.19 0.97 3.95
CA PHE A 50 2.17 2.00 4.01
C PHE A 50 1.18 1.66 5.12
N PRO A 51 0.46 2.66 5.64
CA PRO A 51 -0.54 2.48 6.68
C PRO A 51 -1.68 1.61 6.17
N ALA A 52 -2.08 0.61 6.97
CA ALA A 52 -3.11 -0.34 6.59
C ALA A 52 -4.51 0.27 6.64
N THR A 53 -4.82 1.05 7.67
CA THR A 53 -6.15 1.63 7.83
C THR A 53 -6.44 2.66 6.74
N TYR A 54 -5.39 3.17 6.09
CA TYR A 54 -5.53 4.18 5.05
C TYR A 54 -6.00 3.56 3.73
N VAL A 55 -5.98 2.23 3.62
CA VAL A 55 -6.40 1.54 2.42
C VAL A 55 -7.56 0.58 2.72
N THR A 56 -8.16 0.03 1.67
CA THR A 56 -9.26 -0.92 1.79
C THR A 56 -8.89 -2.19 1.03
N PRO A 57 -9.32 -3.36 1.52
CA PRO A 57 -9.03 -4.64 0.89
C PRO A 57 -9.85 -4.77 -0.39
N TYR A 58 -9.20 -4.67 -1.55
CA TYR A 58 -9.89 -4.85 -2.81
C TYR A 58 -10.06 -6.35 -3.06
N HIS A 59 -10.86 -6.71 -4.06
CA HIS A 59 -11.09 -8.10 -4.37
C HIS A 59 -9.86 -8.68 -5.09
N SER A 60 -9.14 -9.56 -4.39
CA SER A 60 -7.92 -10.19 -4.89
C SER A 60 -8.17 -10.80 -6.27
N GLY A 1 0.68 -18.23 -0.66
CA GLY A 1 1.30 -17.02 -1.20
C GLY A 1 0.31 -15.87 -1.23
N GLU A 2 0.75 -14.67 -0.88
CA GLU A 2 -0.14 -13.53 -0.85
C GLU A 2 -0.54 -13.13 -2.28
N GLU A 3 -1.82 -12.81 -2.45
CA GLU A 3 -2.39 -12.38 -3.71
C GLU A 3 -3.33 -11.20 -3.45
N MET A 4 -3.40 -10.78 -2.19
CA MET A 4 -4.26 -9.70 -1.76
C MET A 4 -3.77 -8.37 -2.29
N LEU A 5 -4.71 -7.48 -2.63
CA LEU A 5 -4.41 -6.15 -3.09
C LEU A 5 -5.35 -5.16 -2.41
N VAL A 6 -4.95 -3.89 -2.35
CA VAL A 6 -5.75 -2.87 -1.69
C VAL A 6 -5.74 -1.60 -2.54
N GLN A 7 -6.57 -0.62 -2.18
CA GLN A 7 -6.63 0.64 -2.91
C GLN A 7 -6.59 1.79 -1.91
N ALA A 8 -5.99 2.91 -2.31
CA ALA A 8 -5.92 4.10 -1.46
C ALA A 8 -7.31 4.70 -1.33
N LEU A 9 -7.66 5.15 -0.12
CA LEU A 9 -8.98 5.74 0.13
C LEU A 9 -8.91 7.27 0.11
N TYR A 10 -7.72 7.84 0.27
CA TYR A 10 -7.52 9.28 0.29
C TYR A 10 -6.16 9.60 -0.33
N ASP A 11 -5.85 10.87 -0.51
CA ASP A 11 -4.56 11.28 -1.03
C ASP A 11 -3.49 11.15 0.05
N PHE A 12 -2.25 10.92 -0.36
CA PHE A 12 -1.12 10.81 0.56
C PHE A 12 0.18 11.00 -0.21
N VAL A 13 1.09 11.81 0.34
CA VAL A 13 2.38 12.06 -0.28
C VAL A 13 3.47 12.11 0.80
N PRO A 14 4.21 11.01 0.99
CA PRO A 14 5.26 10.94 1.97
C PRO A 14 6.42 11.84 1.54
N GLN A 15 6.62 12.94 2.27
CA GLN A 15 7.70 13.86 1.98
C GLN A 15 9.01 13.35 2.57
N GLU A 16 9.04 12.10 3.02
CA GLU A 16 10.22 11.52 3.63
C GLU A 16 10.50 10.13 3.06
N SER A 17 11.69 9.61 3.30
CA SER A 17 12.08 8.29 2.88
C SER A 17 11.46 7.26 3.82
N GLY A 18 11.41 6.01 3.40
CA GLY A 18 10.89 4.93 4.22
C GLY A 18 9.43 4.62 3.91
N GLU A 19 8.79 5.42 3.06
CA GLU A 19 7.40 5.20 2.68
C GLU A 19 7.29 5.15 1.16
N LEU A 20 6.17 4.61 0.67
CA LEU A 20 5.95 4.40 -0.75
C LEU A 20 5.27 5.61 -1.39
N ASP A 21 5.72 5.99 -2.59
CA ASP A 21 5.17 7.10 -3.35
C ASP A 21 4.07 6.60 -4.28
N PHE A 22 2.87 7.18 -4.19
CA PHE A 22 1.74 6.83 -5.04
C PHE A 22 0.72 7.96 -4.99
N ARG A 23 -0.44 7.77 -5.64
CA ARG A 23 -1.48 8.79 -5.66
C ARG A 23 -2.81 8.17 -5.24
N ARG A 24 -3.84 9.00 -5.03
CA ARG A 24 -5.13 8.51 -4.58
C ARG A 24 -5.74 7.59 -5.64
N GLY A 25 -6.40 6.52 -5.19
CA GLY A 25 -7.11 5.62 -6.08
C GLY A 25 -6.20 4.55 -6.69
N ASP A 26 -4.89 4.66 -6.48
CA ASP A 26 -3.95 3.71 -7.05
C ASP A 26 -4.13 2.34 -6.39
N VAL A 27 -3.83 1.29 -7.16
CA VAL A 27 -3.89 -0.09 -6.67
C VAL A 27 -2.56 -0.42 -6.02
N ILE A 28 -2.60 -1.19 -4.93
CA ILE A 28 -1.44 -1.54 -4.13
C ILE A 28 -1.41 -3.06 -3.92
N THR A 29 -0.47 -3.73 -4.58
CA THR A 29 -0.33 -5.18 -4.50
C THR A 29 0.46 -5.58 -3.25
N VAL A 30 -0.21 -6.22 -2.29
CA VAL A 30 0.41 -6.68 -1.06
C VAL A 30 1.21 -7.96 -1.35
N THR A 31 2.31 -8.19 -0.63
CA THR A 31 3.14 -9.37 -0.85
C THR A 31 3.40 -10.14 0.45
N ASP A 32 3.25 -9.49 1.62
CA ASP A 32 3.48 -10.15 2.89
C ASP A 32 2.90 -9.32 4.02
N ARG A 33 1.73 -9.74 4.55
CA ARG A 33 1.03 -9.02 5.61
C ARG A 33 1.81 -9.12 6.93
N SER A 34 2.92 -8.39 7.02
CA SER A 34 3.78 -8.38 8.19
C SER A 34 3.08 -7.75 9.39
N ASP A 35 3.03 -6.41 9.44
CA ASP A 35 2.40 -5.70 10.56
C ASP A 35 0.89 -5.72 10.42
N GLU A 36 0.20 -5.42 11.52
CA GLU A 36 -1.26 -5.37 11.54
C GLU A 36 -1.79 -3.98 11.19
N ASN A 37 -0.90 -2.97 11.21
CA ASN A 37 -1.30 -1.60 10.97
C ASN A 37 -0.55 -0.99 9.80
N TRP A 38 0.41 -1.75 9.23
CA TRP A 38 1.18 -1.33 8.09
C TRP A 38 1.39 -2.53 7.20
N TRP A 39 1.61 -2.31 5.90
CA TRP A 39 1.84 -3.38 4.95
C TRP A 39 2.94 -2.98 3.99
N ASN A 40 3.49 -3.96 3.27
CA ASN A 40 4.57 -3.74 2.32
C ASN A 40 4.28 -4.49 1.04
N GLY A 41 4.75 -3.96 -0.10
CA GLY A 41 4.56 -4.57 -1.39
C GLY A 41 5.20 -3.69 -2.45
N GLU A 42 4.98 -4.05 -3.72
CA GLU A 42 5.55 -3.32 -4.84
C GLU A 42 4.44 -2.66 -5.63
N ILE A 43 4.74 -1.53 -6.27
CA ILE A 43 3.81 -0.80 -7.10
C ILE A 43 4.58 -0.17 -8.26
N GLY A 44 4.13 -0.41 -9.48
CA GLY A 44 4.78 0.12 -10.66
C GLY A 44 6.25 -0.29 -10.69
N ASN A 45 7.15 0.66 -10.40
CA ASN A 45 8.58 0.40 -10.43
C ASN A 45 9.25 0.61 -9.06
N ARG A 46 8.48 0.70 -7.97
CA ARG A 46 9.05 0.94 -6.65
C ARG A 46 8.29 0.17 -5.56
N LYS A 47 8.80 0.22 -4.32
CA LYS A 47 8.19 -0.47 -3.20
C LYS A 47 8.41 0.29 -1.90
N GLY A 48 7.67 -0.07 -0.86
CA GLY A 48 7.78 0.56 0.45
C GLY A 48 6.55 0.23 1.28
N ILE A 49 6.53 0.70 2.54
CA ILE A 49 5.41 0.44 3.43
C ILE A 49 4.39 1.57 3.35
N PHE A 50 3.18 1.29 3.87
CA PHE A 50 2.08 2.24 3.91
C PHE A 50 1.13 1.85 5.06
N PRO A 51 0.34 2.80 5.56
CA PRO A 51 -0.60 2.57 6.66
C PRO A 51 -1.81 1.76 6.19
N ALA A 52 -2.15 0.71 6.94
CA ALA A 52 -3.25 -0.20 6.61
C ALA A 52 -4.62 0.42 6.91
N THR A 53 -4.68 1.40 7.81
CA THR A 53 -5.95 2.02 8.18
C THR A 53 -6.38 3.04 7.11
N TYR A 54 -5.54 3.26 6.10
CA TYR A 54 -5.77 4.22 5.05
C TYR A 54 -6.15 3.52 3.72
N VAL A 55 -6.19 2.19 3.71
CA VAL A 55 -6.53 1.43 2.51
C VAL A 55 -7.70 0.49 2.78
N THR A 56 -8.24 -0.09 1.71
CA THR A 56 -9.36 -1.02 1.80
C THR A 56 -9.00 -2.34 1.12
N PRO A 57 -9.42 -3.47 1.69
CA PRO A 57 -9.14 -4.80 1.17
C PRO A 57 -10.01 -5.06 -0.06
N TYR A 58 -9.42 -4.91 -1.25
CA TYR A 58 -10.13 -5.11 -2.50
C TYR A 58 -10.33 -6.61 -2.77
N HIS A 59 -11.14 -6.94 -3.77
CA HIS A 59 -11.43 -8.31 -4.14
C HIS A 59 -10.32 -8.85 -5.03
N SER A 60 -9.49 -9.75 -4.49
CA SER A 60 -8.41 -10.36 -5.26
C SER A 60 -8.99 -11.28 -6.32
N GLY A 1 1.01 -18.59 -2.22
CA GLY A 1 1.54 -17.22 -2.26
C GLY A 1 0.45 -16.21 -1.97
N GLU A 2 0.85 -14.96 -1.69
CA GLU A 2 -0.11 -13.91 -1.42
C GLU A 2 -0.68 -13.41 -2.74
N GLU A 3 -1.82 -12.71 -2.68
CA GLU A 3 -2.46 -12.15 -3.86
C GLU A 3 -3.35 -10.97 -3.47
N MET A 4 -3.37 -10.62 -2.18
CA MET A 4 -4.20 -9.54 -1.69
C MET A 4 -3.71 -8.21 -2.24
N LEU A 5 -4.65 -7.31 -2.58
CA LEU A 5 -4.36 -5.99 -3.07
C LEU A 5 -5.27 -4.98 -2.37
N VAL A 6 -4.85 -3.70 -2.35
CA VAL A 6 -5.59 -2.66 -1.68
C VAL A 6 -5.67 -1.42 -2.56
N GLN A 7 -6.51 -0.45 -2.17
CA GLN A 7 -6.69 0.78 -2.92
C GLN A 7 -6.71 1.98 -1.96
N ALA A 8 -6.11 3.10 -2.38
CA ALA A 8 -6.09 4.32 -1.60
C ALA A 8 -7.41 5.05 -1.79
N LEU A 9 -7.96 5.62 -0.71
CA LEU A 9 -9.24 6.32 -0.76
C LEU A 9 -9.09 7.82 -0.58
N TYR A 10 -7.88 8.29 -0.28
CA TYR A 10 -7.62 9.72 -0.08
C TYR A 10 -6.27 10.06 -0.69
N ASP A 11 -5.95 11.36 -0.78
CA ASP A 11 -4.65 11.79 -1.30
C ASP A 11 -3.61 11.66 -0.21
N PHE A 12 -2.35 11.42 -0.59
CA PHE A 12 -1.25 11.27 0.35
C PHE A 12 0.06 11.37 -0.40
N VAL A 13 1.05 12.04 0.21
CA VAL A 13 2.37 12.19 -0.38
C VAL A 13 3.44 12.01 0.71
N PRO A 14 3.99 10.80 0.84
CA PRO A 14 5.02 10.51 1.82
C PRO A 14 6.32 11.17 1.40
N GLN A 15 6.53 12.42 1.84
CA GLN A 15 7.70 13.19 1.46
C GLN A 15 8.97 12.60 2.07
N GLU A 16 8.85 11.96 3.24
CA GLU A 16 10.00 11.35 3.90
C GLU A 16 10.21 9.94 3.36
N SER A 17 11.44 9.43 3.49
CA SER A 17 11.78 8.10 3.02
C SER A 17 11.32 7.04 4.01
N GLY A 18 11.24 5.79 3.54
CA GLY A 18 10.84 4.67 4.38
C GLY A 18 9.39 4.27 4.13
N GLU A 19 8.69 4.99 3.27
CA GLU A 19 7.31 4.70 2.93
C GLU A 19 7.15 4.57 1.43
N LEU A 20 6.07 3.94 0.99
CA LEU A 20 5.79 3.73 -0.42
C LEU A 20 5.00 4.90 -0.98
N ASP A 21 5.41 5.40 -2.15
CA ASP A 21 4.73 6.50 -2.82
C ASP A 21 3.63 5.95 -3.70
N PHE A 22 2.54 6.72 -3.84
CA PHE A 22 1.38 6.36 -4.64
C PHE A 22 0.46 7.58 -4.74
N ARG A 23 -0.71 7.40 -5.37
CA ARG A 23 -1.70 8.46 -5.49
C ARG A 23 -3.07 7.90 -5.11
N ARG A 24 -4.06 8.78 -4.99
CA ARG A 24 -5.42 8.36 -4.68
C ARG A 24 -5.94 7.53 -5.85
N GLY A 25 -6.67 6.45 -5.53
CA GLY A 25 -7.25 5.59 -6.55
C GLY A 25 -6.28 4.51 -7.03
N ASP A 26 -4.99 4.62 -6.71
CA ASP A 26 -4.02 3.61 -7.12
C ASP A 26 -4.24 2.32 -6.36
N VAL A 27 -3.80 1.21 -6.95
CA VAL A 27 -3.90 -0.11 -6.37
C VAL A 27 -2.50 -0.60 -6.02
N ILE A 28 -2.36 -1.36 -4.92
CA ILE A 28 -1.06 -1.85 -4.49
C ILE A 28 -1.18 -3.34 -4.15
N THR A 29 -0.38 -4.17 -4.84
CA THR A 29 -0.34 -5.60 -4.56
C THR A 29 0.43 -5.83 -3.27
N VAL A 30 -0.27 -6.24 -2.21
CA VAL A 30 0.33 -6.49 -0.93
C VAL A 30 1.18 -7.77 -0.99
N THR A 31 2.26 -7.82 -0.20
CA THR A 31 3.13 -8.98 -0.20
C THR A 31 3.41 -9.48 1.22
N ASP A 32 3.05 -8.70 2.25
CA ASP A 32 3.26 -9.11 3.63
C ASP A 32 2.20 -8.48 4.53
N ARG A 33 1.92 -9.12 5.67
CA ARG A 33 0.97 -8.66 6.66
C ARG A 33 1.55 -8.76 8.07
N SER A 34 2.84 -8.44 8.21
CA SER A 34 3.54 -8.53 9.49
C SER A 34 2.89 -7.69 10.57
N ASP A 35 2.05 -6.70 10.19
CA ASP A 35 1.35 -5.85 11.13
C ASP A 35 -0.02 -5.52 10.55
N GLU A 36 -0.99 -5.22 11.41
CA GLU A 36 -2.30 -4.80 10.94
C GLU A 36 -2.32 -3.27 10.77
N ASN A 37 -1.30 -2.57 11.28
CA ASN A 37 -1.21 -1.13 11.18
C ASN A 37 -0.50 -0.72 9.90
N TRP A 38 0.43 -1.55 9.41
CA TRP A 38 1.19 -1.26 8.21
C TRP A 38 1.34 -2.52 7.38
N TRP A 39 1.41 -2.37 6.06
CA TRP A 39 1.58 -3.48 5.14
C TRP A 39 2.65 -3.12 4.13
N ASN A 40 3.17 -4.11 3.40
CA ASN A 40 4.20 -3.90 2.40
C ASN A 40 3.65 -4.33 1.04
N GLY A 41 4.09 -3.67 -0.04
CA GLY A 41 3.62 -4.00 -1.38
C GLY A 41 4.47 -3.29 -2.42
N GLU A 42 4.07 -3.41 -3.69
CA GLU A 42 4.79 -2.79 -4.80
C GLU A 42 3.82 -2.02 -5.68
N ILE A 43 4.30 -0.94 -6.29
CA ILE A 43 3.51 -0.11 -7.20
C ILE A 43 4.45 0.57 -8.19
N GLY A 44 4.03 0.61 -9.45
CA GLY A 44 4.80 1.26 -10.50
C GLY A 44 6.20 0.67 -10.58
N ASN A 45 7.20 1.47 -10.20
CA ASN A 45 8.61 1.07 -10.26
C ASN A 45 9.25 1.02 -8.87
N ARG A 46 8.45 1.07 -7.80
CA ARG A 46 9.00 1.07 -6.45
C ARG A 46 8.17 0.23 -5.49
N LYS A 47 8.69 0.03 -4.28
CA LYS A 47 8.04 -0.78 -3.25
C LYS A 47 8.34 -0.19 -1.88
N GLY A 48 7.61 -0.65 -0.86
CA GLY A 48 7.80 -0.18 0.50
C GLY A 48 6.55 -0.41 1.32
N ILE A 49 6.60 -0.01 2.60
CA ILE A 49 5.46 -0.16 3.49
C ILE A 49 4.55 1.06 3.37
N PHE A 50 3.32 0.93 3.87
CA PHE A 50 2.34 2.00 3.86
C PHE A 50 1.34 1.76 4.99
N PRO A 51 0.65 2.82 5.45
CA PRO A 51 -0.35 2.73 6.51
C PRO A 51 -1.54 1.92 6.02
N ALA A 52 -1.83 0.80 6.69
CA ALA A 52 -2.93 -0.09 6.32
C ALA A 52 -4.28 0.55 6.59
N THR A 53 -4.36 1.45 7.58
CA THR A 53 -5.61 2.09 7.94
C THR A 53 -6.01 3.15 6.91
N TYR A 54 -5.11 3.47 5.98
CA TYR A 54 -5.35 4.46 4.95
C TYR A 54 -5.89 3.81 3.67
N VAL A 55 -5.92 2.46 3.62
CA VAL A 55 -6.38 1.74 2.44
C VAL A 55 -7.55 0.81 2.79
N THR A 56 -8.16 0.22 1.76
CA THR A 56 -9.27 -0.71 1.94
C THR A 56 -8.93 -2.01 1.20
N PRO A 57 -9.32 -3.17 1.75
CA PRO A 57 -9.06 -4.47 1.17
C PRO A 57 -9.93 -4.70 -0.05
N TYR A 58 -9.33 -4.62 -1.25
CA TYR A 58 -10.06 -4.83 -2.49
C TYR A 58 -10.29 -6.33 -2.69
N HIS A 59 -11.12 -6.68 -3.67
CA HIS A 59 -11.42 -8.07 -3.98
C HIS A 59 -10.27 -8.68 -4.78
N SER A 60 -9.62 -9.69 -4.21
CA SER A 60 -8.50 -10.39 -4.85
C SER A 60 -8.91 -10.92 -6.20
N GLY A 1 2.55 -17.97 -1.79
CA GLY A 1 2.65 -16.53 -1.54
C GLY A 1 1.28 -15.95 -1.22
N GLU A 2 1.06 -14.69 -1.60
CA GLU A 2 -0.21 -14.02 -1.37
C GLU A 2 -0.66 -13.37 -2.66
N GLU A 3 -1.92 -12.92 -2.70
CA GLU A 3 -2.47 -12.25 -3.87
C GLU A 3 -3.33 -11.06 -3.45
N MET A 4 -3.40 -10.81 -2.14
CA MET A 4 -4.20 -9.72 -1.60
C MET A 4 -3.67 -8.38 -2.12
N LEU A 5 -4.59 -7.48 -2.48
CA LEU A 5 -4.26 -6.15 -2.96
C LEU A 5 -5.17 -5.13 -2.29
N VAL A 6 -4.75 -3.87 -2.27
CA VAL A 6 -5.52 -2.81 -1.62
C VAL A 6 -5.56 -1.57 -2.51
N GLN A 7 -6.41 -0.60 -2.15
CA GLN A 7 -6.55 0.64 -2.90
C GLN A 7 -6.60 1.81 -1.94
N ALA A 8 -5.98 2.93 -2.34
CA ALA A 8 -5.94 4.15 -1.54
C ALA A 8 -7.32 4.76 -1.42
N LEU A 9 -7.67 5.27 -0.24
CA LEU A 9 -8.97 5.87 0.01
C LEU A 9 -8.98 7.37 -0.29
N TYR A 10 -7.93 8.08 0.14
CA TYR A 10 -7.85 9.52 -0.03
C TYR A 10 -6.44 9.95 -0.46
N ASP A 11 -6.25 11.23 -0.75
CA ASP A 11 -4.97 11.77 -1.16
C ASP A 11 -3.95 11.59 -0.04
N PHE A 12 -2.71 11.25 -0.42
CA PHE A 12 -1.59 11.08 0.50
C PHE A 12 -0.30 11.13 -0.30
N VAL A 13 0.70 11.86 0.21
CA VAL A 13 1.98 11.96 -0.45
C VAL A 13 3.10 11.94 0.61
N PRO A 14 3.82 10.83 0.73
CA PRO A 14 4.90 10.69 1.68
C PRO A 14 6.11 11.50 1.20
N GLN A 15 6.31 12.69 1.75
CA GLN A 15 7.44 13.51 1.37
C GLN A 15 8.71 12.87 1.92
N GLU A 16 8.58 12.04 2.95
CA GLU A 16 9.71 11.36 3.57
C GLU A 16 10.00 10.06 2.82
N SER A 17 11.27 9.65 2.77
CA SER A 17 11.62 8.38 2.17
C SER A 17 11.36 7.29 3.21
N GLY A 18 11.25 6.04 2.75
CA GLY A 18 11.00 4.91 3.64
C GLY A 18 9.52 4.51 3.58
N GLU A 19 8.71 5.30 2.90
CA GLU A 19 7.29 5.01 2.71
C GLU A 19 7.02 4.88 1.22
N LEU A 20 5.89 4.30 0.86
CA LEU A 20 5.56 4.06 -0.54
C LEU A 20 4.89 5.29 -1.14
N ASP A 21 5.57 5.95 -2.09
CA ASP A 21 5.01 7.11 -2.76
C ASP A 21 4.00 6.65 -3.81
N PHE A 22 2.75 7.11 -3.68
CA PHE A 22 1.68 6.74 -4.59
C PHE A 22 0.64 7.86 -4.63
N ARG A 23 -0.41 7.67 -5.44
CA ARG A 23 -1.49 8.63 -5.55
C ARG A 23 -2.80 7.94 -5.24
N ARG A 24 -3.84 8.71 -4.89
CA ARG A 24 -5.13 8.14 -4.58
C ARG A 24 -5.72 7.45 -5.80
N GLY A 25 -6.44 6.35 -5.59
CA GLY A 25 -7.10 5.60 -6.65
C GLY A 25 -6.20 4.48 -7.18
N ASP A 26 -4.89 4.57 -6.93
CA ASP A 26 -3.97 3.53 -7.37
C ASP A 26 -4.13 2.29 -6.50
N VAL A 27 -3.70 1.14 -7.03
CA VAL A 27 -3.78 -0.15 -6.37
C VAL A 27 -2.37 -0.58 -5.96
N ILE A 28 -2.26 -1.26 -4.81
CA ILE A 28 -0.98 -1.73 -4.30
C ILE A 28 -1.07 -3.23 -4.02
N THR A 29 -0.22 -4.00 -4.69
CA THR A 29 -0.17 -5.44 -4.53
C THR A 29 0.56 -5.77 -3.23
N VAL A 30 -0.17 -6.22 -2.21
CA VAL A 30 0.39 -6.55 -0.91
C VAL A 30 1.23 -7.83 -1.02
N THR A 31 2.30 -7.91 -0.23
CA THR A 31 3.17 -9.07 -0.23
C THR A 31 3.39 -9.58 1.20
N ASP A 32 3.12 -8.75 2.21
CA ASP A 32 3.25 -9.14 3.62
C ASP A 32 2.14 -8.45 4.42
N ARG A 33 1.70 -9.08 5.51
CA ARG A 33 0.62 -8.52 6.34
C ARG A 33 1.02 -8.49 7.83
N SER A 34 2.28 -8.82 8.14
CA SER A 34 2.78 -8.88 9.51
C SER A 34 2.23 -7.74 10.38
N ASP A 35 2.71 -6.52 10.17
CA ASP A 35 2.26 -5.38 10.96
C ASP A 35 0.88 -4.96 10.48
N GLU A 36 -0.14 -5.17 11.33
CA GLU A 36 -1.52 -4.84 11.01
C GLU A 36 -1.73 -3.32 10.86
N ASN A 37 -0.67 -2.53 11.08
CA ASN A 37 -0.77 -1.08 10.93
C ASN A 37 0.13 -0.61 9.79
N TRP A 38 0.99 -1.48 9.26
CA TRP A 38 1.89 -1.13 8.18
C TRP A 38 2.13 -2.35 7.30
N TRP A 39 1.55 -2.36 6.10
CA TRP A 39 1.72 -3.46 5.17
C TRP A 39 2.73 -3.04 4.10
N ASN A 40 3.25 -4.01 3.34
CA ASN A 40 4.23 -3.75 2.30
C ASN A 40 3.69 -4.27 0.96
N GLY A 41 4.14 -3.69 -0.14
CA GLY A 41 3.71 -4.07 -1.46
C GLY A 41 4.44 -3.25 -2.52
N GLU A 42 4.09 -3.47 -3.80
CA GLU A 42 4.73 -2.74 -4.89
C GLU A 42 3.68 -1.99 -5.71
N ILE A 43 4.09 -0.89 -6.33
CA ILE A 43 3.25 -0.07 -7.17
C ILE A 43 4.13 0.66 -8.18
N GLY A 44 3.66 0.74 -9.43
CA GLY A 44 4.39 1.42 -10.47
C GLY A 44 5.80 0.86 -10.60
N ASN A 45 6.81 1.67 -10.26
CA ASN A 45 8.20 1.27 -10.37
C ASN A 45 8.91 1.24 -9.01
N ARG A 46 8.14 1.22 -7.91
CA ARG A 46 8.75 1.24 -6.58
C ARG A 46 7.97 0.40 -5.59
N LYS A 47 8.51 0.26 -4.37
CA LYS A 47 7.88 -0.50 -3.31
C LYS A 47 8.22 0.12 -1.96
N GLY A 48 7.53 -0.30 -0.91
CA GLY A 48 7.74 0.20 0.43
C GLY A 48 6.51 -0.04 1.28
N ILE A 49 6.61 0.27 2.58
CA ILE A 49 5.50 0.08 3.50
C ILE A 49 4.50 1.24 3.37
N PHE A 50 3.29 1.02 3.88
CA PHE A 50 2.23 2.02 3.87
C PHE A 50 1.27 1.73 5.02
N PRO A 51 0.53 2.75 5.48
CA PRO A 51 -0.42 2.61 6.58
C PRO A 51 -1.58 1.72 6.16
N ALA A 52 -1.71 0.56 6.81
CA ALA A 52 -2.75 -0.41 6.49
C ALA A 52 -4.16 0.10 6.79
N THR A 53 -4.29 1.13 7.64
CA THR A 53 -5.60 1.66 8.01
C THR A 53 -6.08 2.68 6.97
N TYR A 54 -5.18 3.17 6.13
CA TYR A 54 -5.48 4.17 5.11
C TYR A 54 -5.95 3.50 3.81
N VAL A 55 -5.92 2.17 3.74
CA VAL A 55 -6.30 1.45 2.53
C VAL A 55 -7.50 0.55 2.81
N THR A 56 -8.09 0.00 1.75
CA THR A 56 -9.24 -0.90 1.87
C THR A 56 -8.89 -2.26 1.24
N PRO A 57 -9.35 -3.37 1.85
CA PRO A 57 -9.11 -4.71 1.37
C PRO A 57 -9.92 -4.98 0.10
N TYR A 58 -9.26 -5.00 -1.06
CA TYR A 58 -9.93 -5.24 -2.32
C TYR A 58 -10.14 -6.74 -2.51
N HIS A 59 -10.89 -7.10 -3.56
CA HIS A 59 -11.14 -8.49 -3.89
C HIS A 59 -9.88 -9.10 -4.50
N SER A 60 -9.26 -10.04 -3.77
CA SER A 60 -8.05 -10.71 -4.23
C SER A 60 -8.30 -11.37 -5.58
N GLY A 1 -0.95 -18.25 -2.93
CA GLY A 1 0.03 -17.18 -2.71
C GLY A 1 -0.66 -15.91 -2.26
N GLU A 2 0.09 -15.01 -1.62
CA GLU A 2 -0.43 -13.75 -1.15
C GLU A 2 -0.73 -12.86 -2.36
N GLU A 3 -2.00 -12.78 -2.75
CA GLU A 3 -2.44 -11.98 -3.88
C GLU A 3 -3.39 -10.89 -3.41
N MET A 4 -3.52 -10.72 -2.09
CA MET A 4 -4.37 -9.70 -1.52
C MET A 4 -3.81 -8.34 -1.91
N LEU A 5 -4.69 -7.42 -2.35
CA LEU A 5 -4.29 -6.09 -2.75
C LEU A 5 -5.22 -5.05 -2.14
N VAL A 6 -4.76 -3.81 -2.03
CA VAL A 6 -5.51 -2.74 -1.41
C VAL A 6 -5.57 -1.53 -2.34
N GLN A 7 -6.41 -0.56 -2.00
CA GLN A 7 -6.57 0.63 -2.82
C GLN A 7 -6.66 1.88 -1.93
N ALA A 8 -6.13 3.00 -2.42
CA ALA A 8 -6.16 4.27 -1.71
C ALA A 8 -7.52 4.94 -1.93
N LEU A 9 -8.05 5.55 -0.87
CA LEU A 9 -9.35 6.22 -0.90
C LEU A 9 -9.20 7.73 -0.78
N TYR A 10 -7.99 8.21 -0.46
CA TYR A 10 -7.72 9.62 -0.29
C TYR A 10 -6.35 9.97 -0.88
N ASP A 11 -6.02 11.26 -0.91
CA ASP A 11 -4.74 11.73 -1.39
C ASP A 11 -3.66 11.46 -0.34
N PHE A 12 -2.42 11.25 -0.79
CA PHE A 12 -1.30 10.99 0.08
C PHE A 12 0.00 11.32 -0.65
N VAL A 13 0.96 11.92 0.07
CA VAL A 13 2.25 12.25 -0.49
C VAL A 13 3.34 11.96 0.55
N PRO A 14 3.95 10.77 0.49
CA PRO A 14 5.01 10.39 1.41
C PRO A 14 6.27 11.16 1.08
N GLN A 15 6.67 12.08 1.97
CA GLN A 15 7.84 12.89 1.75
C GLN A 15 9.04 12.31 2.51
N GLU A 16 8.88 11.12 3.10
CA GLU A 16 9.95 10.46 3.82
C GLU A 16 10.26 9.13 3.13
N SER A 17 11.54 8.77 3.07
CA SER A 17 11.96 7.54 2.42
C SER A 17 11.45 6.34 3.21
N GLY A 18 11.39 5.18 2.55
CA GLY A 18 10.92 3.94 3.15
C GLY A 18 9.44 3.76 2.92
N GLU A 19 8.70 4.88 2.78
CA GLU A 19 7.28 4.84 2.51
C GLU A 19 7.08 4.50 1.03
N LEU A 20 5.87 4.07 0.66
CA LEU A 20 5.56 3.76 -0.72
C LEU A 20 4.86 4.95 -1.35
N ASP A 21 5.50 5.56 -2.36
CA ASP A 21 4.94 6.71 -3.04
C ASP A 21 3.84 6.27 -4.00
N PHE A 22 2.62 6.72 -3.73
CA PHE A 22 1.45 6.44 -4.55
C PHE A 22 0.52 7.63 -4.46
N ARG A 23 -0.60 7.60 -5.20
CA ARG A 23 -1.55 8.69 -5.20
C ARG A 23 -2.96 8.12 -5.07
N ARG A 24 -3.95 8.99 -4.87
CA ARG A 24 -5.33 8.57 -4.68
C ARG A 24 -5.79 7.69 -5.84
N GLY A 25 -6.57 6.65 -5.53
CA GLY A 25 -7.14 5.75 -6.52
C GLY A 25 -6.18 4.63 -6.91
N ASP A 26 -4.89 4.75 -6.57
CA ASP A 26 -3.92 3.73 -6.92
C ASP A 26 -4.20 2.45 -6.17
N VAL A 27 -3.74 1.33 -6.72
CA VAL A 27 -3.89 0.01 -6.14
C VAL A 27 -2.50 -0.51 -5.80
N ILE A 28 -2.36 -1.25 -4.69
CA ILE A 28 -1.06 -1.75 -4.26
C ILE A 28 -1.18 -3.23 -3.92
N THR A 29 -0.33 -4.04 -4.57
CA THR A 29 -0.28 -5.47 -4.33
C THR A 29 0.50 -5.73 -3.05
N VAL A 30 -0.21 -6.12 -1.98
CA VAL A 30 0.43 -6.41 -0.70
C VAL A 30 1.24 -7.69 -0.84
N THR A 31 2.37 -7.78 -0.12
CA THR A 31 3.21 -8.97 -0.17
C THR A 31 3.48 -9.51 1.24
N ASP A 32 3.16 -8.74 2.27
CA ASP A 32 3.34 -9.17 3.64
C ASP A 32 2.32 -8.48 4.55
N ARG A 33 1.97 -9.13 5.66
CA ARG A 33 0.97 -8.61 6.60
C ARG A 33 1.46 -8.70 8.05
N SER A 34 2.77 -8.67 8.29
CA SER A 34 3.33 -8.79 9.63
C SER A 34 2.83 -7.70 10.59
N ASP A 35 2.36 -6.56 10.07
CA ASP A 35 1.87 -5.47 10.91
C ASP A 35 0.36 -5.33 10.75
N GLU A 36 -0.34 -5.05 11.85
CA GLU A 36 -1.78 -4.85 11.80
C GLU A 36 -2.12 -3.38 11.54
N ASN A 37 -1.08 -2.53 11.44
CA ASN A 37 -1.27 -1.10 11.21
C ASN A 37 -0.51 -0.64 9.96
N TRP A 38 0.33 -1.50 9.41
CA TRP A 38 1.12 -1.18 8.22
C TRP A 38 1.26 -2.43 7.37
N TRP A 39 1.51 -2.26 6.07
CA TRP A 39 1.70 -3.37 5.16
C TRP A 39 2.80 -3.03 4.17
N ASN A 40 3.30 -4.05 3.46
CA ASN A 40 4.35 -3.88 2.48
C ASN A 40 3.86 -4.37 1.12
N GLY A 41 4.37 -3.77 0.05
CA GLY A 41 3.98 -4.13 -1.31
C GLY A 41 4.76 -3.27 -2.30
N GLU A 42 4.45 -3.41 -3.59
CA GLU A 42 5.10 -2.65 -4.63
C GLU A 42 4.05 -2.06 -5.57
N ILE A 43 4.41 -0.98 -6.27
CA ILE A 43 3.53 -0.33 -7.23
C ILE A 43 4.38 0.36 -8.29
N GLY A 44 3.95 0.26 -9.55
CA GLY A 44 4.64 0.89 -10.65
C GLY A 44 6.09 0.45 -10.72
N ASN A 45 7.01 1.36 -10.38
CA ASN A 45 8.45 1.10 -10.46
C ASN A 45 9.11 1.20 -9.08
N ARG A 46 8.34 1.17 -7.99
CA ARG A 46 8.92 1.32 -6.66
C ARG A 46 8.26 0.40 -5.64
N LYS A 47 8.78 0.41 -4.41
CA LYS A 47 8.26 -0.40 -3.32
C LYS A 47 8.48 0.33 -1.99
N GLY A 48 7.82 -0.13 -0.94
CA GLY A 48 7.92 0.49 0.38
C GLY A 48 6.75 0.05 1.25
N ILE A 49 6.62 0.64 2.44
CA ILE A 49 5.53 0.31 3.35
C ILE A 49 4.49 1.42 3.32
N PHE A 50 3.29 1.11 3.84
CA PHE A 50 2.19 2.05 3.88
C PHE A 50 1.23 1.66 5.01
N PRO A 51 0.45 2.62 5.52
CA PRO A 51 -0.50 2.41 6.60
C PRO A 51 -1.64 1.51 6.14
N ALA A 52 -1.96 0.49 6.94
CA ALA A 52 -3.02 -0.46 6.63
C ALA A 52 -4.40 0.14 6.83
N THR A 53 -4.60 0.89 7.91
CA THR A 53 -5.89 1.49 8.24
C THR A 53 -6.28 2.56 7.22
N TYR A 54 -5.32 2.99 6.40
CA TYR A 54 -5.54 4.04 5.42
C TYR A 54 -6.10 3.47 4.11
N VAL A 55 -6.07 2.15 3.93
CA VAL A 55 -6.52 1.55 2.68
C VAL A 55 -7.67 0.58 2.93
N THR A 56 -8.30 0.12 1.84
CA THR A 56 -9.41 -0.81 1.92
C THR A 56 -9.02 -2.11 1.20
N PRO A 57 -9.45 -3.27 1.72
CA PRO A 57 -9.17 -4.56 1.14
C PRO A 57 -9.96 -4.75 -0.14
N TYR A 58 -9.32 -4.58 -1.29
CA TYR A 58 -9.98 -4.76 -2.57
C TYR A 58 -10.22 -6.26 -2.81
N HIS A 59 -10.98 -6.58 -3.86
CA HIS A 59 -11.25 -7.96 -4.20
C HIS A 59 -9.97 -8.62 -4.72
N SER A 60 -9.39 -9.53 -3.93
CA SER A 60 -8.18 -10.25 -4.30
C SER A 60 -8.44 -11.08 -5.55
N GLY A 1 1.67 -17.96 -2.34
CA GLY A 1 1.76 -16.50 -2.47
C GLY A 1 0.52 -15.83 -1.87
N GLU A 2 0.40 -14.52 -2.04
CA GLU A 2 -0.73 -13.77 -1.53
C GLU A 2 -1.14 -12.72 -2.55
N GLU A 3 -2.22 -13.01 -3.28
CA GLU A 3 -2.76 -12.18 -4.35
C GLU A 3 -3.43 -10.91 -3.80
N MET A 4 -3.33 -10.68 -2.49
CA MET A 4 -3.98 -9.54 -1.86
C MET A 4 -3.48 -8.22 -2.46
N LEU A 5 -4.41 -7.32 -2.77
CA LEU A 5 -4.11 -5.99 -3.26
C LEU A 5 -5.00 -4.99 -2.53
N VAL A 6 -4.58 -3.72 -2.48
CA VAL A 6 -5.34 -2.70 -1.78
C VAL A 6 -5.41 -1.42 -2.61
N GLN A 7 -6.27 -0.48 -2.20
CA GLN A 7 -6.47 0.77 -2.91
C GLN A 7 -6.53 1.93 -1.92
N ALA A 8 -6.06 3.10 -2.36
CA ALA A 8 -6.07 4.31 -1.54
C ALA A 8 -7.48 4.88 -1.46
N LEU A 9 -7.86 5.38 -0.28
CA LEU A 9 -9.20 5.94 -0.05
C LEU A 9 -9.19 7.47 -0.09
N TYR A 10 -8.01 8.08 0.00
CA TYR A 10 -7.85 9.53 0.00
C TYR A 10 -6.52 9.89 -0.63
N ASP A 11 -6.25 11.18 -0.78
CA ASP A 11 -4.97 11.61 -1.32
C ASP A 11 -3.94 11.63 -0.20
N PHE A 12 -2.66 11.43 -0.54
CA PHE A 12 -1.58 11.41 0.42
C PHE A 12 -0.26 11.45 -0.35
N VAL A 13 0.73 12.18 0.17
CA VAL A 13 2.03 12.29 -0.48
C VAL A 13 3.14 12.15 0.56
N PRO A 14 3.66 10.92 0.73
CA PRO A 14 4.73 10.62 1.66
C PRO A 14 6.03 11.19 1.10
N GLN A 15 6.42 12.36 1.61
CA GLN A 15 7.63 13.04 1.16
C GLN A 15 8.87 12.44 1.80
N GLU A 16 8.72 11.87 3.01
CA GLU A 16 9.85 11.31 3.73
C GLU A 16 10.07 9.85 3.31
N SER A 17 11.31 9.39 3.45
CA SER A 17 11.70 8.03 3.09
C SER A 17 11.18 7.05 4.14
N GLY A 18 11.14 5.77 3.77
CA GLY A 18 10.68 4.70 4.65
C GLY A 18 9.23 4.34 4.33
N GLU A 19 8.57 5.16 3.50
CA GLU A 19 7.19 4.94 3.12
C GLU A 19 7.10 4.68 1.63
N LEU A 20 5.96 4.13 1.19
CA LEU A 20 5.70 3.83 -0.20
C LEU A 20 4.90 4.98 -0.81
N ASP A 21 5.36 5.52 -1.94
CA ASP A 21 4.66 6.58 -2.62
C ASP A 21 3.56 5.98 -3.48
N PHE A 22 2.37 6.58 -3.46
CA PHE A 22 1.21 6.14 -4.21
C PHE A 22 0.30 7.33 -4.44
N ARG A 23 -0.83 7.13 -5.14
CA ARG A 23 -1.75 8.22 -5.44
C ARG A 23 -3.17 7.80 -5.10
N ARG A 24 -4.08 8.78 -5.01
CA ARG A 24 -5.47 8.49 -4.69
C ARG A 24 -6.10 7.64 -5.80
N GLY A 25 -6.80 6.58 -5.41
CA GLY A 25 -7.48 5.70 -6.34
C GLY A 25 -6.54 4.65 -6.92
N ASP A 26 -5.23 4.82 -6.71
CA ASP A 26 -4.25 3.88 -7.23
C ASP A 26 -4.30 2.58 -6.43
N VAL A 27 -3.82 1.50 -7.04
CA VAL A 27 -3.84 0.16 -6.44
C VAL A 27 -2.41 -0.31 -6.14
N ILE A 28 -2.25 -1.05 -5.04
CA ILE A 28 -0.95 -1.57 -4.62
C ILE A 28 -1.06 -3.07 -4.37
N THR A 29 -0.13 -3.85 -4.92
CA THR A 29 -0.10 -5.28 -4.71
C THR A 29 0.60 -5.58 -3.39
N VAL A 30 -0.11 -6.20 -2.45
CA VAL A 30 0.47 -6.54 -1.15
C VAL A 30 1.39 -7.75 -1.33
N THR A 31 2.46 -7.82 -0.53
CA THR A 31 3.38 -8.94 -0.59
C THR A 31 3.61 -9.50 0.81
N ASP A 32 3.26 -8.75 1.86
CA ASP A 32 3.41 -9.21 3.22
C ASP A 32 2.45 -8.46 4.13
N ARG A 33 2.04 -9.11 5.23
CA ARG A 33 1.12 -8.56 6.20
C ARG A 33 1.66 -8.75 7.61
N SER A 34 2.98 -8.62 7.78
CA SER A 34 3.64 -8.80 9.05
C SER A 34 2.96 -7.97 10.14
N ASP A 35 2.98 -6.63 10.00
CA ASP A 35 2.35 -5.75 10.97
C ASP A 35 0.86 -5.65 10.66
N GLU A 36 0.05 -5.36 11.69
CA GLU A 36 -1.38 -5.17 11.50
C GLU A 36 -1.70 -3.72 11.17
N ASN A 37 -0.74 -2.81 11.43
CA ASN A 37 -0.95 -1.38 11.23
C ASN A 37 -0.27 -0.90 9.95
N TRP A 38 0.61 -1.72 9.37
CA TRP A 38 1.31 -1.39 8.15
C TRP A 38 1.48 -2.67 7.35
N TRP A 39 1.49 -2.56 6.02
CA TRP A 39 1.70 -3.71 5.16
C TRP A 39 2.72 -3.35 4.09
N ASN A 40 3.27 -4.37 3.43
CA ASN A 40 4.27 -4.17 2.40
C ASN A 40 3.64 -4.42 1.03
N GLY A 41 4.02 -3.63 0.03
CA GLY A 41 3.47 -3.81 -1.30
C GLY A 41 4.33 -3.11 -2.34
N GLU A 42 3.91 -3.21 -3.61
CA GLU A 42 4.64 -2.62 -4.72
C GLU A 42 3.65 -1.89 -5.64
N ILE A 43 4.12 -0.82 -6.28
CA ILE A 43 3.32 -0.04 -7.20
C ILE A 43 4.23 0.62 -8.22
N GLY A 44 3.81 0.61 -9.49
CA GLY A 44 4.57 1.22 -10.56
C GLY A 44 6.01 0.72 -10.60
N ASN A 45 6.95 1.61 -10.23
CA ASN A 45 8.37 1.31 -10.25
C ASN A 45 8.98 1.36 -8.86
N ARG A 46 8.16 1.34 -7.80
CA ARG A 46 8.68 1.45 -6.44
C ARG A 46 7.97 0.51 -5.48
N LYS A 47 8.52 0.34 -4.28
CA LYS A 47 7.96 -0.54 -3.26
C LYS A 47 8.27 0.01 -1.87
N GLY A 48 7.60 -0.54 -0.85
CA GLY A 48 7.80 -0.12 0.53
C GLY A 48 6.55 -0.42 1.35
N ILE A 49 6.56 -0.05 2.63
CA ILE A 49 5.41 -0.26 3.50
C ILE A 49 4.48 0.95 3.42
N PHE A 50 3.25 0.78 3.91
CA PHE A 50 2.24 1.84 3.90
C PHE A 50 1.25 1.60 5.03
N PRO A 51 0.52 2.65 5.46
CA PRO A 51 -0.46 2.57 6.53
C PRO A 51 -1.63 1.70 6.09
N ALA A 52 -1.96 0.68 6.90
CA ALA A 52 -3.02 -0.26 6.58
C ALA A 52 -4.41 0.37 6.63
N THR A 53 -4.61 1.41 7.45
CA THR A 53 -5.93 2.03 7.58
C THR A 53 -6.21 3.00 6.43
N TYR A 54 -5.16 3.43 5.72
CA TYR A 54 -5.31 4.36 4.61
C TYR A 54 -5.83 3.64 3.36
N VAL A 55 -5.85 2.31 3.38
CA VAL A 55 -6.24 1.53 2.21
C VAL A 55 -7.42 0.62 2.52
N THR A 56 -7.98 0.01 1.49
CA THR A 56 -9.09 -0.92 1.59
C THR A 56 -8.73 -2.22 0.86
N PRO A 57 -9.17 -3.38 1.36
CA PRO A 57 -8.89 -4.68 0.76
C PRO A 57 -9.72 -4.87 -0.49
N TYR A 58 -9.11 -4.73 -1.67
CA TYR A 58 -9.81 -4.95 -2.92
C TYR A 58 -10.03 -6.46 -3.11
N HIS A 59 -10.81 -6.83 -4.12
CA HIS A 59 -11.10 -8.23 -4.39
C HIS A 59 -9.82 -8.95 -4.82
N SER A 60 -9.29 -9.81 -3.96
CA SER A 60 -8.09 -10.58 -4.24
C SER A 60 -8.40 -11.68 -5.25
N GLY A 1 3.18 -16.74 -3.16
CA GLY A 1 3.09 -15.32 -2.79
C GLY A 1 1.75 -15.01 -2.17
N GLU A 2 1.30 -13.76 -2.32
CA GLU A 2 0.02 -13.32 -1.81
C GLU A 2 -0.63 -12.41 -2.85
N GLU A 3 -1.80 -12.80 -3.36
CA GLU A 3 -2.50 -12.03 -4.38
C GLU A 3 -3.27 -10.86 -3.78
N MET A 4 -3.23 -10.72 -2.44
CA MET A 4 -3.94 -9.66 -1.75
C MET A 4 -3.45 -8.30 -2.21
N LEU A 5 -4.39 -7.43 -2.61
CA LEU A 5 -4.07 -6.06 -3.01
C LEU A 5 -5.07 -5.11 -2.36
N VAL A 6 -4.69 -3.84 -2.25
CA VAL A 6 -5.53 -2.82 -1.61
C VAL A 6 -5.54 -1.57 -2.48
N GLN A 7 -6.44 -0.62 -2.18
CA GLN A 7 -6.55 0.60 -2.94
C GLN A 7 -6.64 1.82 -2.01
N ALA A 8 -6.12 2.95 -2.48
CA ALA A 8 -6.11 4.21 -1.75
C ALA A 8 -7.52 4.76 -1.60
N LEU A 9 -7.82 5.34 -0.43
CA LEU A 9 -9.14 5.92 -0.17
C LEU A 9 -9.08 7.46 -0.19
N TYR A 10 -7.90 8.04 -0.02
CA TYR A 10 -7.71 9.48 0.01
C TYR A 10 -6.37 9.82 -0.63
N ASP A 11 -6.07 11.11 -0.80
CA ASP A 11 -4.77 11.48 -1.37
C ASP A 11 -3.68 11.27 -0.31
N PHE A 12 -2.43 11.16 -0.74
CA PHE A 12 -1.32 10.91 0.16
C PHE A 12 -0.02 11.36 -0.52
N VAL A 13 0.87 11.98 0.25
CA VAL A 13 2.15 12.46 -0.27
C VAL A 13 3.24 12.14 0.75
N PRO A 14 3.87 10.96 0.64
CA PRO A 14 4.91 10.52 1.54
C PRO A 14 6.18 11.33 1.30
N GLN A 15 6.35 12.41 2.05
CA GLN A 15 7.54 13.25 1.92
C GLN A 15 8.73 12.61 2.61
N GLU A 16 8.54 11.46 3.24
CA GLU A 16 9.63 10.76 3.93
C GLU A 16 9.91 9.45 3.21
N SER A 17 11.15 9.26 2.78
CA SER A 17 11.54 8.06 2.08
C SER A 17 11.28 6.84 2.97
N GLY A 18 11.16 5.67 2.35
CA GLY A 18 10.90 4.42 3.05
C GLY A 18 9.42 4.06 2.91
N GLU A 19 8.56 5.08 2.76
CA GLU A 19 7.15 4.86 2.52
C GLU A 19 6.96 4.51 1.05
N LEU A 20 5.81 3.93 0.71
CA LEU A 20 5.53 3.61 -0.67
C LEU A 20 4.94 4.84 -1.34
N ASP A 21 5.54 5.29 -2.44
CA ASP A 21 5.05 6.46 -3.16
C ASP A 21 3.83 6.07 -4.00
N PHE A 22 2.68 6.69 -3.71
CA PHE A 22 1.44 6.48 -4.45
C PHE A 22 0.54 7.69 -4.25
N ARG A 23 -0.59 7.73 -4.97
CA ARG A 23 -1.56 8.81 -4.88
C ARG A 23 -2.97 8.22 -4.83
N ARG A 24 -3.97 9.08 -4.61
CA ARG A 24 -5.36 8.63 -4.55
C ARG A 24 -5.71 7.81 -5.79
N GLY A 25 -6.51 6.76 -5.60
CA GLY A 25 -6.99 5.91 -6.67
C GLY A 25 -6.01 4.80 -7.02
N ASP A 26 -4.75 4.90 -6.57
CA ASP A 26 -3.75 3.89 -6.89
C ASP A 26 -4.04 2.59 -6.14
N VAL A 27 -3.59 1.47 -6.70
CA VAL A 27 -3.74 0.14 -6.12
C VAL A 27 -2.35 -0.42 -5.80
N ILE A 28 -2.21 -1.17 -4.70
CA ILE A 28 -0.93 -1.72 -4.30
C ILE A 28 -1.07 -3.22 -4.05
N THR A 29 -0.24 -4.02 -4.72
CA THR A 29 -0.24 -5.45 -4.54
C THR A 29 0.55 -5.78 -3.27
N VAL A 30 -0.16 -6.15 -2.21
CA VAL A 30 0.45 -6.49 -0.94
C VAL A 30 1.20 -7.82 -1.10
N THR A 31 2.31 -7.99 -0.38
CA THR A 31 3.10 -9.20 -0.51
C THR A 31 3.39 -9.82 0.86
N ASP A 32 3.04 -9.11 1.94
CA ASP A 32 3.22 -9.61 3.29
C ASP A 32 2.19 -8.95 4.21
N ARG A 33 1.93 -9.55 5.37
CA ARG A 33 0.95 -9.05 6.32
C ARG A 33 1.55 -8.98 7.73
N SER A 34 2.85 -8.69 7.82
CA SER A 34 3.58 -8.63 9.06
C SER A 34 2.86 -7.78 10.12
N ASP A 35 2.82 -6.46 9.94
CA ASP A 35 2.18 -5.57 10.89
C ASP A 35 0.73 -5.33 10.47
N GLU A 36 -0.15 -5.09 11.45
CA GLU A 36 -1.56 -4.82 11.19
C GLU A 36 -1.79 -3.33 10.95
N ASN A 37 -0.75 -2.50 11.14
CA ASN A 37 -0.86 -1.06 10.98
C ASN A 37 -0.01 -0.59 9.81
N TRP A 38 0.88 -1.45 9.30
CA TRP A 38 1.76 -1.11 8.20
C TRP A 38 1.97 -2.32 7.30
N TRP A 39 1.38 -2.29 6.11
CA TRP A 39 1.54 -3.37 5.16
C TRP A 39 2.60 -2.99 4.15
N ASN A 40 3.08 -3.98 3.39
CA ASN A 40 4.07 -3.74 2.37
C ASN A 40 3.69 -4.48 1.10
N GLY A 41 4.17 -3.97 -0.04
CA GLY A 41 3.87 -4.51 -1.35
C GLY A 41 4.63 -3.68 -2.38
N GLU A 42 4.20 -3.77 -3.64
CA GLU A 42 4.84 -3.02 -4.71
C GLU A 42 3.79 -2.41 -5.62
N ILE A 43 4.17 -1.33 -6.31
CA ILE A 43 3.30 -0.62 -7.25
C ILE A 43 4.18 0.05 -8.30
N GLY A 44 3.77 -0.03 -9.56
CA GLY A 44 4.46 0.60 -10.67
C GLY A 44 5.95 0.26 -10.67
N ASN A 45 6.79 1.20 -10.24
CA ASN A 45 8.24 1.04 -10.26
C ASN A 45 8.85 1.11 -8.85
N ARG A 46 8.03 1.25 -7.79
CA ARG A 46 8.58 1.46 -6.46
C ARG A 46 7.90 0.59 -5.40
N LYS A 47 8.50 0.55 -4.20
CA LYS A 47 7.99 -0.23 -3.07
C LYS A 47 8.42 0.43 -1.76
N GLY A 48 7.84 -0.04 -0.64
CA GLY A 48 8.13 0.50 0.69
C GLY A 48 7.08 -0.02 1.68
N ILE A 49 6.60 0.84 2.57
CA ILE A 49 5.56 0.51 3.54
C ILE A 49 4.48 1.58 3.50
N PHE A 50 3.28 1.29 4.00
CA PHE A 50 2.20 2.26 4.00
C PHE A 50 1.20 1.96 5.12
N PRO A 51 0.43 2.97 5.54
CA PRO A 51 -0.57 2.84 6.59
C PRO A 51 -1.71 1.92 6.13
N ALA A 52 -1.97 0.85 6.90
CA ALA A 52 -2.98 -0.13 6.55
C ALA A 52 -4.41 0.42 6.71
N THR A 53 -4.60 1.44 7.54
CA THR A 53 -5.92 2.01 7.79
C THR A 53 -6.28 3.06 6.72
N TYR A 54 -5.31 3.44 5.89
CA TYR A 54 -5.53 4.43 4.85
C TYR A 54 -6.08 3.78 3.58
N VAL A 55 -6.10 2.45 3.54
CA VAL A 55 -6.57 1.72 2.36
C VAL A 55 -7.75 0.84 2.72
N THR A 56 -8.40 0.28 1.70
CA THR A 56 -9.51 -0.63 1.88
C THR A 56 -9.10 -2.00 1.34
N PRO A 57 -9.56 -3.08 1.99
CA PRO A 57 -9.28 -4.43 1.56
C PRO A 57 -10.04 -4.72 0.27
N TYR A 58 -9.43 -4.43 -0.88
CA TYR A 58 -10.07 -4.65 -2.16
C TYR A 58 -10.17 -6.14 -2.42
N HIS A 59 -10.91 -6.52 -3.46
CA HIS A 59 -11.06 -7.93 -3.81
C HIS A 59 -9.73 -8.43 -4.37
N SER A 60 -9.47 -9.73 -4.19
CA SER A 60 -8.26 -10.36 -4.67
C SER A 60 -8.23 -10.36 -6.19
N GLY A 1 0.53 -17.80 -1.53
CA GLY A 1 -0.15 -16.97 -2.54
C GLY A 1 -0.60 -15.65 -1.94
N GLU A 2 0.30 -14.66 -1.91
CA GLU A 2 -0.04 -13.35 -1.38
C GLU A 2 -0.58 -12.49 -2.52
N GLU A 3 -1.78 -12.84 -2.98
CA GLU A 3 -2.45 -12.18 -4.09
C GLU A 3 -3.30 -11.01 -3.60
N MET A 4 -3.37 -10.81 -2.28
CA MET A 4 -4.20 -9.74 -1.72
C MET A 4 -3.66 -8.38 -2.15
N LEU A 5 -4.56 -7.50 -2.60
CA LEU A 5 -4.22 -6.15 -3.02
C LEU A 5 -5.21 -5.17 -2.41
N VAL A 6 -4.81 -3.89 -2.31
CA VAL A 6 -5.65 -2.87 -1.70
C VAL A 6 -5.62 -1.61 -2.56
N GLN A 7 -6.48 -0.63 -2.25
CA GLN A 7 -6.54 0.61 -3.00
C GLN A 7 -6.56 1.79 -2.03
N ALA A 8 -5.96 2.91 -2.45
CA ALA A 8 -5.93 4.13 -1.65
C ALA A 8 -7.33 4.72 -1.57
N LEU A 9 -7.72 5.23 -0.40
CA LEU A 9 -9.04 5.82 -0.20
C LEU A 9 -8.99 7.34 -0.30
N TYR A 10 -7.81 7.92 -0.10
CA TYR A 10 -7.63 9.37 -0.14
C TYR A 10 -6.25 9.69 -0.70
N ASP A 11 -5.95 10.97 -0.91
CA ASP A 11 -4.64 11.36 -1.41
C ASP A 11 -3.63 11.30 -0.28
N PHE A 12 -2.36 11.08 -0.62
CA PHE A 12 -1.29 10.97 0.35
C PHE A 12 0.01 11.36 -0.32
N VAL A 13 0.86 12.12 0.38
CA VAL A 13 2.15 12.52 -0.16
C VAL A 13 3.20 12.45 0.96
N PRO A 14 3.77 11.27 1.17
CA PRO A 14 4.77 11.04 2.20
C PRO A 14 6.10 11.64 1.75
N GLN A 15 6.32 12.91 2.07
CA GLN A 15 7.57 13.58 1.73
C GLN A 15 8.72 12.94 2.51
N GLU A 16 8.40 12.17 3.54
CA GLU A 16 9.39 11.49 4.34
C GLU A 16 9.72 10.14 3.70
N SER A 17 11.00 9.90 3.40
CA SER A 17 11.40 8.62 2.83
C SER A 17 11.10 7.51 3.85
N GLY A 18 11.00 6.27 3.35
CA GLY A 18 10.70 5.12 4.19
C GLY A 18 9.30 4.61 3.93
N GLU A 19 8.52 5.34 3.13
CA GLU A 19 7.16 4.99 2.77
C GLU A 19 7.03 4.98 1.25
N LEU A 20 5.97 4.35 0.75
CA LEU A 20 5.73 4.26 -0.68
C LEU A 20 5.21 5.58 -1.23
N ASP A 21 5.35 5.76 -2.54
CA ASP A 21 4.87 6.94 -3.24
C ASP A 21 3.76 6.54 -4.18
N PHE A 22 2.57 7.07 -3.95
CA PHE A 22 1.39 6.81 -4.77
C PHE A 22 0.42 7.97 -4.64
N ARG A 23 -0.67 7.94 -5.41
CA ARG A 23 -1.67 8.99 -5.40
C ARG A 23 -3.04 8.36 -5.10
N ARG A 24 -4.06 9.19 -4.89
CA ARG A 24 -5.38 8.67 -4.61
C ARG A 24 -5.88 7.82 -5.78
N GLY A 25 -6.57 6.72 -5.47
CA GLY A 25 -7.12 5.84 -6.48
C GLY A 25 -6.11 4.80 -6.96
N ASP A 26 -4.84 4.93 -6.56
CA ASP A 26 -3.83 3.96 -6.96
C ASP A 26 -4.07 2.63 -6.26
N VAL A 27 -3.59 1.55 -6.85
CA VAL A 27 -3.72 0.22 -6.29
C VAL A 27 -2.35 -0.19 -5.73
N ILE A 28 -2.35 -0.91 -4.61
CA ILE A 28 -1.14 -1.33 -3.92
C ILE A 28 -1.18 -2.84 -3.73
N THR A 29 -0.33 -3.57 -4.46
CA THR A 29 -0.28 -5.01 -4.37
C THR A 29 0.52 -5.42 -3.14
N VAL A 30 -0.16 -6.00 -2.15
CA VAL A 30 0.47 -6.42 -0.91
C VAL A 30 1.21 -7.74 -1.14
N THR A 31 2.30 -7.95 -0.40
CA THR A 31 3.08 -9.17 -0.49
C THR A 31 3.31 -9.79 0.89
N ASP A 32 3.05 -9.01 1.97
CA ASP A 32 3.21 -9.53 3.32
C ASP A 32 2.41 -8.67 4.29
N ARG A 33 2.06 -9.25 5.45
CA ARG A 33 1.28 -8.59 6.49
C ARG A 33 1.95 -8.78 7.86
N SER A 34 3.22 -8.40 7.97
CA SER A 34 3.96 -8.56 9.22
C SER A 34 3.46 -7.58 10.29
N ASP A 35 2.66 -6.59 9.92
CA ASP A 35 2.14 -5.61 10.87
C ASP A 35 0.64 -5.40 10.65
N GLU A 36 -0.07 -4.98 11.70
CA GLU A 36 -1.51 -4.74 11.62
C GLU A 36 -1.83 -3.28 11.25
N ASN A 37 -0.82 -2.41 11.22
CA ASN A 37 -1.02 -1.01 10.87
C ASN A 37 -0.20 -0.61 9.65
N TRP A 38 0.63 -1.55 9.16
CA TRP A 38 1.46 -1.33 7.99
C TRP A 38 1.57 -2.65 7.24
N TRP A 39 1.85 -2.60 5.94
CA TRP A 39 2.01 -3.80 5.13
C TRP A 39 3.13 -3.57 4.13
N ASN A 40 3.65 -4.65 3.53
CA ASN A 40 4.70 -4.56 2.53
C ASN A 40 4.16 -5.04 1.19
N GLY A 41 4.76 -4.56 0.11
CA GLY A 41 4.34 -4.92 -1.24
C GLY A 41 5.18 -4.17 -2.27
N GLU A 42 4.75 -4.20 -3.53
CA GLU A 42 5.40 -3.48 -4.60
C GLU A 42 4.32 -2.73 -5.39
N ILE A 43 4.71 -1.64 -6.06
CA ILE A 43 3.77 -0.86 -6.85
C ILE A 43 4.52 -0.18 -7.99
N GLY A 44 4.08 -0.44 -9.22
CA GLY A 44 4.64 0.16 -10.42
C GLY A 44 6.14 -0.08 -10.51
N ASN A 45 6.94 0.93 -10.15
CA ASN A 45 8.38 0.87 -10.26
C ASN A 45 9.08 1.02 -8.89
N ARG A 46 8.36 0.85 -7.78
CA ARG A 46 8.96 0.99 -6.46
C ARG A 46 8.37 0.01 -5.45
N LYS A 47 8.94 0.00 -4.24
CA LYS A 47 8.52 -0.85 -3.15
C LYS A 47 8.61 -0.06 -1.85
N GLY A 48 8.02 -0.58 -0.76
CA GLY A 48 8.07 0.07 0.53
C GLY A 48 6.81 -0.23 1.34
N ILE A 49 6.73 0.31 2.56
CA ILE A 49 5.60 0.11 3.43
C ILE A 49 4.59 1.25 3.27
N PHE A 50 3.37 1.05 3.76
CA PHE A 50 2.31 2.04 3.67
C PHE A 50 1.31 1.82 4.81
N PRO A 51 0.54 2.85 5.17
CA PRO A 51 -0.45 2.79 6.24
C PRO A 51 -1.63 1.90 5.85
N ALA A 52 -2.06 1.02 6.76
CA ALA A 52 -3.15 0.08 6.52
C ALA A 52 -4.53 0.76 6.58
N THR A 53 -4.75 1.60 7.60
CA THR A 53 -6.05 2.25 7.79
C THR A 53 -6.30 3.33 6.71
N TYR A 54 -5.41 3.42 5.72
CA TYR A 54 -5.51 4.37 4.63
C TYR A 54 -5.97 3.67 3.35
N VAL A 55 -6.14 2.34 3.40
CA VAL A 55 -6.53 1.56 2.24
C VAL A 55 -7.68 0.62 2.61
N THR A 56 -8.27 -0.02 1.59
CA THR A 56 -9.34 -0.97 1.79
C THR A 56 -8.97 -2.29 1.10
N PRO A 57 -9.31 -3.43 1.71
CA PRO A 57 -9.01 -4.75 1.18
C PRO A 57 -9.85 -5.03 -0.06
N TYR A 58 -9.25 -4.87 -1.24
CA TYR A 58 -9.93 -5.08 -2.51
C TYR A 58 -10.16 -6.58 -2.72
N HIS A 59 -10.94 -6.93 -3.75
CA HIS A 59 -11.22 -8.32 -4.07
C HIS A 59 -10.03 -8.89 -4.83
N SER A 60 -9.28 -9.80 -4.20
CA SER A 60 -8.10 -10.40 -4.81
C SER A 60 -8.48 -11.18 -6.06
N GLY A 1 1.31 -17.01 -4.69
CA GLY A 1 1.12 -17.06 -3.23
C GLY A 1 -0.04 -16.17 -2.82
N GLU A 2 0.25 -15.12 -2.04
CA GLU A 2 -0.77 -14.19 -1.62
C GLU A 2 -1.23 -13.37 -2.82
N GLU A 3 -2.43 -12.80 -2.73
CA GLU A 3 -3.01 -12.01 -3.80
C GLU A 3 -3.74 -10.80 -3.23
N MET A 4 -3.57 -10.55 -1.93
CA MET A 4 -4.23 -9.46 -1.25
C MET A 4 -3.79 -8.13 -1.86
N LEU A 5 -4.76 -7.31 -2.27
CA LEU A 5 -4.49 -6.00 -2.82
C LEU A 5 -5.44 -4.99 -2.20
N VAL A 6 -5.06 -3.71 -2.21
CA VAL A 6 -5.85 -2.66 -1.61
C VAL A 6 -5.84 -1.41 -2.48
N GLN A 7 -6.67 -0.43 -2.14
CA GLN A 7 -6.74 0.82 -2.90
C GLN A 7 -6.56 2.00 -1.95
N ALA A 8 -5.91 3.06 -2.44
CA ALA A 8 -5.70 4.29 -1.68
C ALA A 8 -7.03 5.04 -1.59
N LEU A 9 -7.50 5.27 -0.35
CA LEU A 9 -8.78 5.94 -0.12
C LEU A 9 -8.68 7.46 -0.29
N TYR A 10 -7.47 8.02 -0.18
CA TYR A 10 -7.26 9.45 -0.30
C TYR A 10 -5.91 9.72 -0.95
N ASP A 11 -5.63 11.01 -1.24
CA ASP A 11 -4.35 11.38 -1.82
C ASP A 11 -3.29 11.37 -0.72
N PHE A 12 -2.03 11.15 -1.09
CA PHE A 12 -0.96 11.09 -0.11
C PHE A 12 0.38 11.39 -0.77
N VAL A 13 1.25 12.12 -0.08
CA VAL A 13 2.57 12.47 -0.57
C VAL A 13 3.59 12.32 0.55
N PRO A 14 4.19 11.13 0.70
CA PRO A 14 5.16 10.85 1.73
C PRO A 14 6.49 11.52 1.39
N GLN A 15 6.74 12.70 1.95
CA GLN A 15 7.99 13.39 1.71
C GLN A 15 9.12 12.64 2.40
N GLU A 16 8.79 11.87 3.44
CA GLU A 16 9.77 11.08 4.16
C GLU A 16 9.95 9.76 3.45
N SER A 17 11.22 9.39 3.20
CA SER A 17 11.53 8.15 2.51
C SER A 17 11.18 6.96 3.40
N GLY A 18 11.05 5.79 2.78
CA GLY A 18 10.72 4.55 3.48
C GLY A 18 9.25 4.21 3.30
N GLU A 19 8.41 5.23 3.09
CA GLU A 19 6.99 5.03 2.85
C GLU A 19 6.77 4.83 1.36
N LEU A 20 5.60 4.31 0.98
CA LEU A 20 5.28 4.03 -0.40
C LEU A 20 4.56 5.22 -1.03
N ASP A 21 5.17 5.80 -2.07
CA ASP A 21 4.59 6.93 -2.77
C ASP A 21 3.49 6.42 -3.71
N PHE A 22 2.25 6.87 -3.46
CA PHE A 22 1.10 6.53 -4.28
C PHE A 22 0.12 7.69 -4.20
N ARG A 23 -0.96 7.64 -4.99
CA ARG A 23 -1.96 8.71 -4.99
C ARG A 23 -3.35 8.09 -4.88
N ARG A 24 -4.38 8.93 -4.70
CA ARG A 24 -5.74 8.43 -4.54
C ARG A 24 -6.14 7.58 -5.74
N GLY A 25 -6.88 6.50 -5.48
CA GLY A 25 -7.41 5.64 -6.53
C GLY A 25 -6.39 4.60 -7.00
N ASP A 26 -5.12 4.75 -6.62
CA ASP A 26 -4.10 3.80 -7.03
C ASP A 26 -4.32 2.47 -6.33
N VAL A 27 -3.86 1.39 -6.94
CA VAL A 27 -3.97 0.05 -6.38
C VAL A 27 -2.61 -0.35 -5.81
N ILE A 28 -2.62 -1.06 -4.69
CA ILE A 28 -1.40 -1.47 -4.01
C ILE A 28 -1.48 -2.97 -3.73
N THR A 29 -0.70 -3.77 -4.45
CA THR A 29 -0.68 -5.21 -4.27
C THR A 29 0.21 -5.57 -3.10
N VAL A 30 -0.39 -6.09 -2.02
CA VAL A 30 0.31 -6.48 -0.81
C VAL A 30 1.12 -7.75 -1.10
N THR A 31 2.27 -7.93 -0.42
CA THR A 31 3.10 -9.09 -0.66
C THR A 31 3.50 -9.81 0.63
N ASP A 32 3.50 -9.13 1.78
CA ASP A 32 3.86 -9.76 3.04
C ASP A 32 3.25 -8.99 4.21
N ARG A 33 2.10 -9.46 4.72
CA ARG A 33 1.41 -8.82 5.83
C ARG A 33 2.15 -9.07 7.15
N SER A 34 3.39 -8.59 7.25
CA SER A 34 4.18 -8.72 8.45
C SER A 34 3.54 -7.90 9.56
N ASP A 35 3.49 -6.58 9.38
CA ASP A 35 2.88 -5.67 10.35
C ASP A 35 1.37 -5.75 10.21
N GLU A 36 0.65 -5.58 11.32
CA GLU A 36 -0.80 -5.58 11.29
C GLU A 36 -1.33 -4.15 11.08
N ASN A 37 -0.50 -3.14 11.38
CA ASN A 37 -0.89 -1.74 11.25
C ASN A 37 -0.33 -1.14 9.97
N TRP A 38 0.60 -1.85 9.33
CA TRP A 38 1.24 -1.39 8.11
C TRP A 38 1.40 -2.58 7.17
N TRP A 39 1.54 -2.32 5.87
CA TRP A 39 1.73 -3.37 4.89
C TRP A 39 2.82 -2.96 3.91
N ASN A 40 3.32 -3.92 3.14
CA ASN A 40 4.37 -3.72 2.17
C ASN A 40 3.98 -4.37 0.85
N GLY A 41 4.49 -3.84 -0.25
CA GLY A 41 4.21 -4.35 -1.57
C GLY A 41 4.97 -3.53 -2.61
N GLU A 42 4.86 -3.91 -3.87
CA GLU A 42 5.50 -3.21 -4.97
C GLU A 42 4.41 -2.62 -5.86
N ILE A 43 4.57 -1.35 -6.25
CA ILE A 43 3.59 -0.66 -7.06
C ILE A 43 4.31 0.13 -8.14
N GLY A 44 3.76 0.12 -9.36
CA GLY A 44 4.37 0.82 -10.48
C GLY A 44 5.82 0.42 -10.61
N ASN A 45 6.74 1.33 -10.28
CA ASN A 45 8.16 1.07 -10.37
C ASN A 45 8.89 1.20 -9.02
N ARG A 46 8.16 1.27 -7.90
CA ARG A 46 8.81 1.42 -6.60
C ARG A 46 8.10 0.64 -5.50
N LYS A 47 8.66 0.64 -4.29
CA LYS A 47 8.07 -0.06 -3.16
C LYS A 47 8.35 0.68 -1.86
N GLY A 48 7.66 0.28 -0.79
CA GLY A 48 7.79 0.88 0.52
C GLY A 48 6.67 0.36 1.42
N ILE A 49 6.55 0.89 2.64
CA ILE A 49 5.50 0.48 3.55
C ILE A 49 4.40 1.54 3.57
N PHE A 50 3.20 1.16 4.06
CA PHE A 50 2.08 2.08 4.12
C PHE A 50 1.11 1.64 5.23
N PRO A 51 0.35 2.60 5.80
CA PRO A 51 -0.59 2.33 6.88
C PRO A 51 -1.83 1.59 6.36
N ALA A 52 -2.26 0.58 7.12
CA ALA A 52 -3.41 -0.24 6.75
C ALA A 52 -4.73 0.50 6.97
N THR A 53 -4.73 1.56 7.78
CA THR A 53 -5.94 2.30 8.09
C THR A 53 -6.23 3.33 6.99
N TYR A 54 -5.34 3.45 6.01
CA TYR A 54 -5.48 4.41 4.92
C TYR A 54 -5.92 3.71 3.62
N VAL A 55 -6.05 2.39 3.64
CA VAL A 55 -6.41 1.62 2.46
C VAL A 55 -7.64 0.75 2.74
N THR A 56 -8.20 0.17 1.67
CA THR A 56 -9.36 -0.70 1.77
C THR A 56 -9.03 -2.06 1.14
N PRO A 57 -9.48 -3.16 1.77
CA PRO A 57 -9.24 -4.51 1.29
C PRO A 57 -10.08 -4.79 0.04
N TYR A 58 -9.48 -4.69 -1.14
CA TYR A 58 -10.19 -4.91 -2.38
C TYR A 58 -10.42 -6.41 -2.61
N HIS A 59 -11.24 -6.73 -3.62
CA HIS A 59 -11.57 -8.10 -3.96
C HIS A 59 -10.46 -8.73 -4.78
N SER A 60 -9.72 -9.68 -4.19
CA SER A 60 -8.66 -10.38 -4.89
C SER A 60 -9.26 -11.23 -6.01
N GLY A 1 2.96 -15.49 0.24
CA GLY A 1 2.20 -15.62 -1.01
C GLY A 1 0.86 -14.91 -0.88
N GLU A 2 0.88 -13.70 -0.35
CA GLU A 2 -0.30 -12.88 -0.13
C GLU A 2 -0.72 -12.24 -1.45
N GLU A 3 -1.71 -12.85 -2.13
CA GLU A 3 -2.21 -12.35 -3.40
C GLU A 3 -3.17 -11.17 -3.20
N MET A 4 -3.31 -10.73 -1.95
CA MET A 4 -4.22 -9.64 -1.60
C MET A 4 -3.73 -8.31 -2.17
N LEU A 5 -4.66 -7.41 -2.50
CA LEU A 5 -4.36 -6.08 -2.98
C LEU A 5 -5.30 -5.08 -2.32
N VAL A 6 -4.91 -3.81 -2.28
CA VAL A 6 -5.72 -2.78 -1.62
C VAL A 6 -5.77 -1.51 -2.47
N GLN A 7 -6.63 -0.56 -2.10
CA GLN A 7 -6.78 0.69 -2.85
C GLN A 7 -6.78 1.89 -1.89
N ALA A 8 -6.30 3.03 -2.37
CA ALA A 8 -6.23 4.27 -1.61
C ALA A 8 -7.60 4.93 -1.52
N LEU A 9 -7.91 5.51 -0.36
CA LEU A 9 -9.19 6.16 -0.13
C LEU A 9 -9.11 7.68 -0.38
N TYR A 10 -7.98 8.30 -0.06
CA TYR A 10 -7.82 9.74 -0.20
C TYR A 10 -6.41 10.09 -0.67
N ASP A 11 -6.15 11.37 -0.93
CA ASP A 11 -4.83 11.83 -1.36
C ASP A 11 -3.83 11.58 -0.23
N PHE A 12 -2.57 11.30 -0.60
CA PHE A 12 -1.51 11.03 0.35
C PHE A 12 -0.17 11.11 -0.38
N VAL A 13 0.83 11.76 0.20
CA VAL A 13 2.15 11.89 -0.40
C VAL A 13 3.24 11.78 0.67
N PRO A 14 3.84 10.58 0.83
CA PRO A 14 4.89 10.33 1.80
C PRO A 14 6.22 10.91 1.31
N GLN A 15 6.56 12.12 1.73
CA GLN A 15 7.80 12.76 1.30
C GLN A 15 9.01 12.22 2.06
N GLU A 16 8.81 11.59 3.22
CA GLU A 16 9.91 11.05 3.99
C GLU A 16 10.22 9.64 3.49
N SER A 17 11.52 9.30 3.45
CA SER A 17 11.94 7.98 2.98
C SER A 17 11.44 6.90 3.92
N GLY A 18 11.43 5.65 3.44
CA GLY A 18 11.00 4.52 4.24
C GLY A 18 9.54 4.18 3.99
N GLU A 19 8.86 4.96 3.14
CA GLU A 19 7.45 4.73 2.83
C GLU A 19 7.26 4.62 1.32
N LEU A 20 6.09 4.11 0.91
CA LEU A 20 5.77 3.90 -0.49
C LEU A 20 4.91 5.03 -1.03
N ASP A 21 5.43 5.75 -2.04
CA ASP A 21 4.69 6.82 -2.68
C ASP A 21 3.72 6.25 -3.69
N PHE A 22 2.51 6.82 -3.74
CA PHE A 22 1.44 6.44 -4.65
C PHE A 22 0.44 7.58 -4.69
N ARG A 23 -0.59 7.49 -5.54
CA ARG A 23 -1.63 8.51 -5.60
C ARG A 23 -2.96 7.90 -5.21
N ARG A 24 -3.97 8.74 -4.97
CA ARG A 24 -5.29 8.25 -4.58
C ARG A 24 -5.89 7.43 -5.73
N GLY A 25 -6.64 6.38 -5.38
CA GLY A 25 -7.33 5.55 -6.35
C GLY A 25 -6.43 4.45 -6.91
N ASP A 26 -5.11 4.60 -6.79
CA ASP A 26 -4.19 3.58 -7.29
C ASP A 26 -4.31 2.34 -6.42
N VAL A 27 -3.94 1.20 -6.98
CA VAL A 27 -4.00 -0.08 -6.29
C VAL A 27 -2.59 -0.46 -5.81
N ILE A 28 -2.50 -1.06 -4.62
CA ILE A 28 -1.23 -1.48 -4.05
C ILE A 28 -1.27 -3.00 -3.89
N THR A 29 -0.49 -3.70 -4.72
CA THR A 29 -0.39 -5.14 -4.68
C THR A 29 0.40 -5.55 -3.44
N VAL A 30 -0.30 -6.03 -2.41
CA VAL A 30 0.33 -6.45 -1.17
C VAL A 30 1.08 -7.76 -1.37
N THR A 31 2.19 -7.94 -0.64
CA THR A 31 2.94 -9.18 -0.69
C THR A 31 3.31 -9.65 0.73
N ASP A 32 3.02 -8.83 1.74
CA ASP A 32 3.27 -9.15 3.14
C ASP A 32 2.16 -8.56 3.99
N ARG A 33 1.72 -9.30 5.02
CA ARG A 33 0.64 -8.86 5.91
C ARG A 33 1.06 -9.01 7.38
N SER A 34 2.37 -9.16 7.62
CA SER A 34 2.93 -9.34 8.95
C SER A 34 2.28 -8.38 9.96
N ASP A 35 2.61 -7.09 9.87
CA ASP A 35 2.06 -6.09 10.77
C ASP A 35 0.62 -5.77 10.38
N GLU A 36 -0.24 -5.52 11.35
CA GLU A 36 -1.64 -5.19 11.09
C GLU A 36 -1.80 -3.68 10.85
N ASN A 37 -0.72 -2.91 11.04
CA ASN A 37 -0.76 -1.46 10.90
C ASN A 37 -0.06 -1.00 9.62
N TRP A 38 0.82 -1.84 9.05
CA TRP A 38 1.55 -1.48 7.85
C TRP A 38 1.77 -2.72 7.00
N TRP A 39 1.71 -2.55 5.67
CA TRP A 39 1.91 -3.65 4.74
C TRP A 39 2.94 -3.23 3.69
N ASN A 40 3.46 -4.19 2.93
CA ASN A 40 4.49 -3.94 1.94
C ASN A 40 4.08 -4.50 0.58
N GLY A 41 4.63 -3.91 -0.50
CA GLY A 41 4.34 -4.36 -1.85
C GLY A 41 5.10 -3.50 -2.86
N GLU A 42 4.95 -3.81 -4.16
CA GLU A 42 5.57 -3.05 -5.23
C GLU A 42 4.46 -2.38 -6.05
N ILE A 43 4.70 -1.15 -6.50
CA ILE A 43 3.75 -0.42 -7.32
C ILE A 43 4.51 0.50 -8.27
N GLY A 44 4.06 0.60 -9.52
CA GLY A 44 4.66 1.45 -10.51
C GLY A 44 6.14 1.14 -10.68
N ASN A 45 7.00 2.02 -10.15
CA ASN A 45 8.44 1.90 -10.29
C ASN A 45 9.16 1.71 -8.95
N ARG A 46 8.43 1.64 -7.83
CA ARG A 46 9.07 1.53 -6.52
C ARG A 46 8.30 0.62 -5.57
N LYS A 47 8.83 0.46 -4.36
CA LYS A 47 8.23 -0.37 -3.33
C LYS A 47 8.50 0.24 -1.95
N GLY A 48 7.81 -0.26 -0.93
CA GLY A 48 7.97 0.23 0.44
C GLY A 48 6.72 -0.08 1.25
N ILE A 49 6.74 0.26 2.54
CA ILE A 49 5.60 0.03 3.41
C ILE A 49 4.63 1.21 3.33
N PHE A 50 3.40 1.00 3.82
CA PHE A 50 2.38 2.03 3.82
C PHE A 50 1.37 1.73 4.94
N PRO A 51 0.63 2.75 5.40
CA PRO A 51 -0.33 2.60 6.48
C PRO A 51 -1.53 1.78 6.02
N ALA A 52 -1.84 0.70 6.77
CA ALA A 52 -2.93 -0.20 6.44
C ALA A 52 -4.30 0.45 6.66
N THR A 53 -4.40 1.41 7.59
CA THR A 53 -5.68 2.05 7.89
C THR A 53 -6.10 3.00 6.76
N TYR A 54 -5.13 3.44 5.94
CA TYR A 54 -5.37 4.38 4.87
C TYR A 54 -5.95 3.70 3.62
N VAL A 55 -5.92 2.37 3.56
CA VAL A 55 -6.38 1.63 2.39
C VAL A 55 -7.59 0.76 2.74
N THR A 56 -8.23 0.21 1.70
CA THR A 56 -9.37 -0.66 1.86
C THR A 56 -9.06 -2.01 1.19
N PRO A 57 -9.50 -3.13 1.79
CA PRO A 57 -9.26 -4.47 1.28
C PRO A 57 -10.05 -4.72 0.00
N TYR A 58 -9.35 -4.67 -1.15
CA TYR A 58 -9.98 -4.94 -2.43
C TYR A 58 -10.12 -6.46 -2.60
N HIS A 59 -10.93 -6.91 -3.56
CA HIS A 59 -11.12 -8.34 -3.77
C HIS A 59 -9.89 -8.92 -4.45
N SER A 60 -9.29 -9.94 -3.83
CA SER A 60 -8.10 -10.60 -4.33
C SER A 60 -8.24 -10.96 -5.81
N GLY A 1 1.55 -18.25 -3.35
CA GLY A 1 1.97 -17.23 -2.37
C GLY A 1 0.87 -16.20 -2.17
N GLU A 2 1.20 -15.11 -1.47
CA GLU A 2 0.25 -14.04 -1.22
C GLU A 2 -0.03 -13.32 -2.54
N GLU A 3 -1.15 -12.60 -2.61
CA GLU A 3 -1.57 -11.87 -3.80
C GLU A 3 -2.59 -10.79 -3.43
N MET A 4 -2.78 -10.54 -2.15
CA MET A 4 -3.72 -9.56 -1.66
C MET A 4 -3.34 -8.18 -2.19
N LEU A 5 -4.32 -7.35 -2.56
CA LEU A 5 -4.06 -5.99 -3.01
C LEU A 5 -5.03 -5.03 -2.35
N VAL A 6 -4.66 -3.75 -2.27
CA VAL A 6 -5.49 -2.74 -1.63
C VAL A 6 -5.51 -1.47 -2.47
N GLN A 7 -6.39 -0.53 -2.14
CA GLN A 7 -6.51 0.71 -2.87
C GLN A 7 -6.58 1.89 -1.90
N ALA A 8 -6.00 3.03 -2.31
CA ALA A 8 -5.96 4.24 -1.52
C ALA A 8 -7.36 4.85 -1.42
N LEU A 9 -7.71 5.37 -0.24
CA LEU A 9 -9.02 5.97 -0.02
C LEU A 9 -8.96 7.50 0.02
N TYR A 10 -7.77 8.08 0.23
CA TYR A 10 -7.61 9.52 0.33
C TYR A 10 -6.28 9.95 -0.30
N ASP A 11 -6.03 11.25 -0.36
CA ASP A 11 -4.77 11.76 -0.92
C ASP A 11 -3.63 11.45 0.06
N PHE A 12 -2.41 11.34 -0.47
CA PHE A 12 -1.24 11.05 0.33
C PHE A 12 0.02 11.39 -0.45
N VAL A 13 0.97 12.09 0.18
CA VAL A 13 2.22 12.44 -0.45
C VAL A 13 3.36 12.28 0.57
N PRO A 14 4.04 11.12 0.58
CA PRO A 14 5.10 10.83 1.52
C PRO A 14 6.37 11.60 1.15
N GLN A 15 6.59 12.75 1.78
CA GLN A 15 7.80 13.54 1.54
C GLN A 15 8.98 12.92 2.28
N GLU A 16 8.82 11.71 2.81
CA GLU A 16 9.84 11.01 3.56
C GLU A 16 9.99 9.59 3.03
N SER A 17 11.22 9.22 2.68
CA SER A 17 11.51 7.91 2.12
C SER A 17 11.20 6.83 3.16
N GLY A 18 10.95 5.62 2.66
CA GLY A 18 10.61 4.46 3.47
C GLY A 18 9.13 4.12 3.28
N GLU A 19 8.32 5.13 2.99
CA GLU A 19 6.91 4.91 2.71
C GLU A 19 6.77 4.69 1.21
N LEU A 20 5.65 4.11 0.78
CA LEU A 20 5.44 3.86 -0.63
C LEU A 20 4.87 5.11 -1.30
N ASP A 21 5.51 5.59 -2.37
CA ASP A 21 5.04 6.76 -3.08
C ASP A 21 3.86 6.38 -3.97
N PHE A 22 2.70 7.01 -3.73
CA PHE A 22 1.51 6.78 -4.53
C PHE A 22 0.57 7.97 -4.39
N ARG A 23 -0.60 7.89 -5.02
CA ARG A 23 -1.63 8.93 -4.94
C ARG A 23 -2.98 8.26 -4.75
N ARG A 24 -4.01 9.07 -4.49
CA ARG A 24 -5.35 8.57 -4.26
C ARG A 24 -5.83 7.77 -5.47
N GLY A 25 -6.56 6.68 -5.20
CA GLY A 25 -7.14 5.84 -6.25
C GLY A 25 -6.15 4.79 -6.75
N ASP A 26 -4.87 4.89 -6.37
CA ASP A 26 -3.88 3.92 -6.79
C ASP A 26 -4.10 2.59 -6.08
N VAL A 27 -3.64 1.49 -6.68
CA VAL A 27 -3.75 0.16 -6.13
C VAL A 27 -2.35 -0.36 -5.82
N ILE A 28 -2.19 -1.11 -4.73
CA ILE A 28 -0.90 -1.63 -4.32
C ILE A 28 -1.01 -3.13 -4.07
N THR A 29 -0.10 -3.90 -4.64
CA THR A 29 -0.07 -5.34 -4.47
C THR A 29 0.69 -5.67 -3.18
N VAL A 30 -0.04 -6.11 -2.15
CA VAL A 30 0.56 -6.45 -0.88
C VAL A 30 1.38 -7.73 -1.07
N THR A 31 2.50 -7.85 -0.34
CA THR A 31 3.36 -9.03 -0.45
C THR A 31 3.49 -9.71 0.92
N ASP A 32 3.07 -9.01 1.98
CA ASP A 32 3.09 -9.55 3.34
C ASP A 32 2.26 -8.65 4.23
N ARG A 33 1.77 -9.18 5.35
CA ARG A 33 0.95 -8.44 6.30
C ARG A 33 1.50 -8.63 7.72
N SER A 34 2.81 -8.44 7.88
CA SER A 34 3.49 -8.62 9.15
C SER A 34 2.84 -7.80 10.27
N ASP A 35 2.85 -6.47 10.13
CA ASP A 35 2.30 -5.59 11.14
C ASP A 35 0.78 -5.60 11.07
N GLU A 36 0.12 -5.36 12.22
CA GLU A 36 -1.33 -5.34 12.31
C GLU A 36 -1.89 -3.95 11.98
N ASN A 37 -1.02 -2.99 11.69
CA ASN A 37 -1.44 -1.62 11.39
C ASN A 37 -0.75 -1.10 10.12
N TRP A 38 0.25 -1.83 9.63
CA TRP A 38 0.99 -1.45 8.44
C TRP A 38 1.19 -2.68 7.56
N TRP A 39 1.37 -2.47 6.25
CA TRP A 39 1.58 -3.56 5.32
C TRP A 39 2.68 -3.16 4.33
N ASN A 40 3.19 -4.15 3.59
CA ASN A 40 4.24 -3.94 2.62
C ASN A 40 3.76 -4.48 1.27
N GLY A 41 4.26 -3.91 0.17
CA GLY A 41 3.85 -4.34 -1.15
C GLY A 41 4.60 -3.54 -2.20
N GLU A 42 4.17 -3.68 -3.46
CA GLU A 42 4.79 -2.98 -4.56
C GLU A 42 3.72 -2.33 -5.44
N ILE A 43 4.11 -1.27 -6.13
CA ILE A 43 3.27 -0.56 -7.08
C ILE A 43 4.21 0.06 -8.11
N GLY A 44 3.83 0.01 -9.38
CA GLY A 44 4.66 0.54 -10.44
C GLY A 44 6.03 -0.12 -10.39
N ASN A 45 7.07 0.70 -10.22
CA ASN A 45 8.45 0.23 -10.20
C ASN A 45 9.14 0.50 -8.85
N ARG A 46 8.38 0.83 -7.80
CA ARG A 46 8.98 1.18 -6.51
C ARG A 46 8.40 0.34 -5.38
N LYS A 47 8.95 0.53 -4.16
CA LYS A 47 8.56 -0.24 -2.98
C LYS A 47 8.54 0.66 -1.75
N GLY A 48 7.97 0.14 -0.65
CA GLY A 48 7.88 0.86 0.61
C GLY A 48 6.68 0.35 1.40
N ILE A 49 6.59 0.73 2.68
CA ILE A 49 5.47 0.33 3.53
C ILE A 49 4.39 1.38 3.51
N PHE A 50 3.19 1.03 3.98
CA PHE A 50 2.07 1.96 4.02
C PHE A 50 1.10 1.56 5.15
N PRO A 51 0.36 2.54 5.68
CA PRO A 51 -0.59 2.33 6.75
C PRO A 51 -1.83 1.60 6.22
N ALA A 52 -2.27 0.58 6.96
CA ALA A 52 -3.42 -0.22 6.57
C ALA A 52 -4.73 0.53 6.80
N THR A 53 -4.74 1.54 7.68
CA THR A 53 -5.94 2.29 8.01
C THR A 53 -6.28 3.31 6.90
N TYR A 54 -5.43 3.41 5.88
CA TYR A 54 -5.61 4.36 4.78
C TYR A 54 -6.09 3.67 3.50
N VAL A 55 -6.20 2.34 3.51
CA VAL A 55 -6.59 1.60 2.32
C VAL A 55 -7.81 0.73 2.58
N THR A 56 -8.39 0.17 1.51
CA THR A 56 -9.54 -0.71 1.60
C THR A 56 -9.18 -2.07 0.99
N PRO A 57 -9.71 -3.17 1.54
CA PRO A 57 -9.46 -4.50 1.06
C PRO A 57 -10.23 -4.74 -0.24
N TYR A 58 -9.55 -4.62 -1.37
CA TYR A 58 -10.17 -4.84 -2.68
C TYR A 58 -10.31 -6.33 -2.92
N HIS A 59 -11.03 -6.72 -3.98
CA HIS A 59 -11.20 -8.13 -4.29
C HIS A 59 -9.88 -8.65 -4.86
N SER A 60 -9.29 -9.65 -4.19
CA SER A 60 -8.03 -10.23 -4.61
C SER A 60 -8.21 -11.06 -5.87
N GLY A 1 2.25 -16.77 -2.39
CA GLY A 1 1.87 -15.71 -3.32
C GLY A 1 0.57 -15.06 -2.88
N GLU A 2 0.66 -14.07 -1.99
CA GLU A 2 -0.49 -13.35 -1.49
C GLU A 2 -0.99 -12.43 -2.61
N GLU A 3 -2.07 -12.83 -3.29
CA GLU A 3 -2.65 -12.07 -4.39
C GLU A 3 -3.50 -10.91 -3.86
N MET A 4 -3.59 -10.75 -2.55
CA MET A 4 -4.39 -9.69 -1.95
C MET A 4 -3.81 -8.32 -2.30
N LEU A 5 -4.67 -7.36 -2.61
CA LEU A 5 -4.27 -6.00 -2.94
C LEU A 5 -5.18 -4.99 -2.24
N VAL A 6 -4.72 -3.75 -2.10
CA VAL A 6 -5.46 -2.70 -1.43
C VAL A 6 -5.53 -1.46 -2.32
N GLN A 7 -6.42 -0.51 -2.00
CA GLN A 7 -6.58 0.70 -2.79
C GLN A 7 -6.61 1.94 -1.90
N ALA A 8 -6.14 3.06 -2.44
CA ALA A 8 -6.11 4.35 -1.77
C ALA A 8 -7.52 4.90 -1.61
N LEU A 9 -7.79 5.55 -0.47
CA LEU A 9 -9.10 6.11 -0.19
C LEU A 9 -9.07 7.64 -0.21
N TYR A 10 -7.90 8.24 0.01
CA TYR A 10 -7.74 9.69 0.05
C TYR A 10 -6.36 10.07 -0.48
N ASP A 11 -6.09 11.37 -0.62
CA ASP A 11 -4.80 11.83 -1.07
C ASP A 11 -3.77 11.59 0.03
N PHE A 12 -2.52 11.32 -0.36
CA PHE A 12 -1.44 11.06 0.57
C PHE A 12 -0.12 11.11 -0.20
N VAL A 13 0.90 11.75 0.36
CA VAL A 13 2.21 11.83 -0.28
C VAL A 13 3.32 11.70 0.76
N PRO A 14 3.96 10.52 0.85
CA PRO A 14 5.03 10.28 1.77
C PRO A 14 6.29 10.99 1.28
N GLN A 15 6.40 12.29 1.57
CA GLN A 15 7.55 13.08 1.14
C GLN A 15 8.81 12.58 1.83
N GLU A 16 8.67 11.97 3.00
CA GLU A 16 9.79 11.43 3.74
C GLU A 16 10.08 10.03 3.22
N SER A 17 11.33 9.77 2.82
CA SER A 17 11.73 8.49 2.28
C SER A 17 11.51 7.41 3.32
N GLY A 18 11.39 6.16 2.85
CA GLY A 18 11.19 5.02 3.71
C GLY A 18 9.78 4.47 3.59
N GLU A 19 8.92 5.17 2.83
CA GLU A 19 7.55 4.76 2.60
C GLU A 19 7.27 4.70 1.11
N LEU A 20 6.18 4.01 0.73
CA LEU A 20 5.82 3.83 -0.66
C LEU A 20 4.97 4.99 -1.16
N ASP A 21 5.48 5.75 -2.13
CA ASP A 21 4.74 6.86 -2.72
C ASP A 21 3.73 6.32 -3.74
N PHE A 22 2.53 6.91 -3.73
CA PHE A 22 1.45 6.58 -4.64
C PHE A 22 0.53 7.80 -4.73
N ARG A 23 -0.50 7.73 -5.57
CA ARG A 23 -1.43 8.84 -5.76
C ARG A 23 -2.84 8.36 -5.43
N ARG A 24 -3.81 9.27 -5.40
CA ARG A 24 -5.18 8.89 -5.09
C ARG A 24 -5.67 7.86 -6.11
N GLY A 25 -6.41 6.85 -5.64
CA GLY A 25 -6.99 5.84 -6.50
C GLY A 25 -6.03 4.69 -6.84
N ASP A 26 -4.75 4.83 -6.50
CA ASP A 26 -3.77 3.80 -6.80
C ASP A 26 -4.06 2.53 -6.01
N VAL A 27 -3.60 1.40 -6.54
CA VAL A 27 -3.75 0.10 -5.92
C VAL A 27 -2.34 -0.42 -5.59
N ILE A 28 -2.19 -1.13 -4.47
CA ILE A 28 -0.89 -1.65 -4.06
C ILE A 28 -0.98 -3.16 -3.88
N THR A 29 -0.18 -3.88 -4.67
CA THR A 29 -0.10 -5.33 -4.61
C THR A 29 0.63 -5.70 -3.33
N VAL A 30 -0.09 -6.19 -2.32
CA VAL A 30 0.50 -6.52 -1.03
C VAL A 30 1.40 -7.75 -1.15
N THR A 31 2.47 -7.78 -0.35
CA THR A 31 3.40 -8.90 -0.36
C THR A 31 3.62 -9.42 1.07
N ASP A 32 3.38 -8.57 2.08
CA ASP A 32 3.52 -8.93 3.48
C ASP A 32 2.34 -8.34 4.26
N ARG A 33 1.88 -9.07 5.29
CA ARG A 33 0.75 -8.66 6.09
C ARG A 33 1.07 -8.74 7.58
N SER A 34 2.34 -8.91 7.93
CA SER A 34 2.81 -9.03 9.30
C SER A 34 2.21 -7.93 10.18
N ASP A 35 2.67 -6.69 10.03
CA ASP A 35 2.20 -5.58 10.84
C ASP A 35 0.81 -5.19 10.37
N GLU A 36 -0.19 -5.33 11.26
CA GLU A 36 -1.58 -5.05 10.95
C GLU A 36 -1.86 -3.55 10.78
N ASN A 37 -0.85 -2.70 10.96
CA ASN A 37 -1.02 -1.26 10.86
C ASN A 37 -0.21 -0.69 9.70
N TRP A 38 0.73 -1.48 9.17
CA TRP A 38 1.55 -1.05 8.05
C TRP A 38 1.89 -2.26 7.19
N TRP A 39 1.28 -2.34 6.00
CA TRP A 39 1.53 -3.46 5.09
C TRP A 39 2.56 -3.02 4.05
N ASN A 40 3.11 -4.00 3.33
CA ASN A 40 4.13 -3.75 2.32
C ASN A 40 3.63 -4.28 0.98
N GLY A 41 4.10 -3.71 -0.13
CA GLY A 41 3.68 -4.13 -1.44
C GLY A 41 4.48 -3.41 -2.52
N GLU A 42 4.18 -3.70 -3.78
CA GLU A 42 4.88 -3.11 -4.93
C GLU A 42 3.86 -2.41 -5.83
N ILE A 43 4.26 -1.28 -6.43
CA ILE A 43 3.40 -0.52 -7.32
C ILE A 43 4.26 0.26 -8.32
N GLY A 44 3.82 0.28 -9.58
CA GLY A 44 4.52 1.01 -10.63
C GLY A 44 5.99 0.62 -10.70
N ASN A 45 6.88 1.50 -10.23
CA ASN A 45 8.32 1.30 -10.30
C ASN A 45 8.96 1.18 -8.92
N ARG A 46 8.18 1.18 -7.84
CA ARG A 46 8.77 1.11 -6.50
C ARG A 46 7.93 0.26 -5.55
N LYS A 47 8.47 0.02 -4.36
CA LYS A 47 7.82 -0.75 -3.31
C LYS A 47 8.14 -0.14 -1.96
N GLY A 48 7.42 -0.55 -0.91
CA GLY A 48 7.65 -0.04 0.42
C GLY A 48 6.40 -0.19 1.27
N ILE A 49 6.51 0.14 2.56
CA ILE A 49 5.40 0.04 3.48
C ILE A 49 4.48 1.24 3.33
N PHE A 50 3.25 1.10 3.82
CA PHE A 50 2.24 2.14 3.78
C PHE A 50 1.24 1.91 4.93
N PRO A 51 0.50 2.95 5.34
CA PRO A 51 -0.48 2.84 6.40
C PRO A 51 -1.61 1.91 5.97
N ALA A 52 -1.75 0.77 6.66
CA ALA A 52 -2.73 -0.25 6.33
C ALA A 52 -4.17 0.25 6.52
N THR A 53 -4.41 1.11 7.52
CA THR A 53 -5.75 1.59 7.79
C THR A 53 -6.18 2.68 6.79
N TYR A 54 -5.21 3.26 6.08
CA TYR A 54 -5.49 4.31 5.11
C TYR A 54 -6.05 3.72 3.81
N VAL A 55 -5.93 2.40 3.62
CA VAL A 55 -6.41 1.74 2.41
C VAL A 55 -7.54 0.77 2.75
N THR A 56 -8.18 0.23 1.72
CA THR A 56 -9.27 -0.73 1.90
C THR A 56 -8.85 -2.09 1.31
N PRO A 57 -9.17 -3.19 2.00
CA PRO A 57 -8.86 -4.53 1.58
C PRO A 57 -9.77 -4.95 0.43
N TYR A 58 -9.22 -5.01 -0.79
CA TYR A 58 -9.97 -5.39 -1.97
C TYR A 58 -9.95 -6.91 -2.13
N HIS A 59 -10.74 -7.43 -3.07
CA HIS A 59 -10.77 -8.85 -3.35
C HIS A 59 -9.50 -9.20 -4.12
N SER A 60 -8.84 -10.31 -3.75
CA SER A 60 -7.63 -10.74 -4.42
C SER A 60 -7.88 -10.96 -5.91
N GLY A 1 3.14 -16.91 -3.31
CA GLY A 1 2.94 -16.26 -2.01
C GLY A 1 1.48 -15.87 -1.83
N GLU A 2 1.22 -14.57 -1.77
CA GLU A 2 -0.12 -14.03 -1.62
C GLU A 2 -0.41 -13.11 -2.80
N GLU A 3 -1.66 -12.70 -2.98
CA GLU A 3 -2.08 -11.83 -4.07
C GLU A 3 -3.01 -10.75 -3.56
N MET A 4 -3.10 -10.61 -2.23
CA MET A 4 -3.96 -9.62 -1.61
C MET A 4 -3.53 -8.23 -2.08
N LEU A 5 -4.49 -7.39 -2.44
CA LEU A 5 -4.21 -6.03 -2.89
C LEU A 5 -5.16 -5.05 -2.22
N VAL A 6 -4.77 -3.78 -2.15
CA VAL A 6 -5.55 -2.76 -1.49
C VAL A 6 -5.72 -1.54 -2.39
N GLN A 7 -6.61 -0.61 -2.01
CA GLN A 7 -6.90 0.57 -2.80
C GLN A 7 -7.03 1.80 -1.91
N ALA A 8 -6.45 2.93 -2.33
CA ALA A 8 -6.48 4.19 -1.58
C ALA A 8 -7.83 4.89 -1.72
N LEU A 9 -8.32 5.47 -0.61
CA LEU A 9 -9.61 6.14 -0.58
C LEU A 9 -9.46 7.66 -0.64
N TYR A 10 -8.26 8.16 -0.33
CA TYR A 10 -7.96 9.59 -0.32
C TYR A 10 -6.55 9.78 -0.88
N ASP A 11 -6.14 11.03 -1.09
CA ASP A 11 -4.79 11.32 -1.58
C ASP A 11 -3.82 11.38 -0.41
N PHE A 12 -2.52 11.21 -0.70
CA PHE A 12 -1.49 11.21 0.32
C PHE A 12 -0.13 11.34 -0.36
N VAL A 13 0.79 12.09 0.25
CA VAL A 13 2.12 12.29 -0.31
C VAL A 13 3.18 12.08 0.77
N PRO A 14 3.76 10.87 0.84
CA PRO A 14 4.79 10.54 1.81
C PRO A 14 6.09 11.24 1.43
N GLN A 15 6.35 12.41 2.03
CA GLN A 15 7.56 13.16 1.74
C GLN A 15 8.76 12.48 2.39
N GLU A 16 8.50 11.59 3.36
CA GLU A 16 9.55 10.87 4.06
C GLU A 16 9.90 9.61 3.29
N SER A 17 11.19 9.40 3.03
CA SER A 17 11.64 8.23 2.32
C SER A 17 11.38 6.97 3.15
N GLY A 18 11.33 5.82 2.47
CA GLY A 18 11.06 4.54 3.11
C GLY A 18 9.60 4.13 2.89
N GLU A 19 8.73 5.11 2.69
CA GLU A 19 7.32 4.86 2.44
C GLU A 19 7.09 4.62 0.95
N LEU A 20 5.93 4.04 0.62
CA LEU A 20 5.56 3.77 -0.76
C LEU A 20 4.89 5.02 -1.36
N ASP A 21 5.47 5.58 -2.42
CA ASP A 21 4.89 6.76 -3.07
C ASP A 21 3.71 6.33 -3.95
N PHE A 22 2.51 6.84 -3.63
CA PHE A 22 1.30 6.54 -4.39
C PHE A 22 0.37 7.74 -4.34
N ARG A 23 -0.76 7.66 -5.04
CA ARG A 23 -1.75 8.73 -5.10
C ARG A 23 -3.15 8.14 -4.96
N ARG A 24 -4.17 8.98 -4.82
CA ARG A 24 -5.53 8.48 -4.69
C ARG A 24 -5.95 7.73 -5.94
N GLY A 25 -6.72 6.65 -5.76
CA GLY A 25 -7.22 5.84 -6.86
C GLY A 25 -6.24 4.73 -7.23
N ASP A 26 -5.00 4.79 -6.74
CA ASP A 26 -4.00 3.78 -7.04
C ASP A 26 -4.29 2.48 -6.29
N VAL A 27 -3.77 1.38 -6.82
CA VAL A 27 -3.90 0.06 -6.22
C VAL A 27 -2.50 -0.44 -5.83
N ILE A 28 -2.40 -1.17 -4.72
CA ILE A 28 -1.11 -1.66 -4.24
C ILE A 28 -1.22 -3.15 -3.95
N THR A 29 -0.29 -3.93 -4.51
CA THR A 29 -0.25 -5.37 -4.29
C THR A 29 0.51 -5.66 -2.99
N VAL A 30 -0.22 -6.12 -1.97
CA VAL A 30 0.38 -6.44 -0.68
C VAL A 30 1.18 -7.73 -0.82
N THR A 31 2.51 -7.61 -0.95
CA THR A 31 3.36 -8.77 -1.10
C THR A 31 3.38 -9.58 0.20
N ASP A 32 3.14 -8.94 1.33
CA ASP A 32 3.11 -9.58 2.64
C ASP A 32 2.30 -8.71 3.59
N ARG A 33 1.73 -9.34 4.63
CA ARG A 33 0.90 -8.65 5.62
C ARG A 33 1.45 -8.91 7.01
N SER A 34 2.59 -8.29 7.31
CA SER A 34 3.24 -8.43 8.61
C SER A 34 2.39 -7.79 9.71
N ASP A 35 2.57 -6.49 9.97
CA ASP A 35 1.83 -5.80 11.02
C ASP A 35 0.39 -5.60 10.58
N GLU A 36 -0.50 -5.34 11.54
CA GLU A 36 -1.91 -5.13 11.23
C GLU A 36 -2.18 -3.66 10.91
N ASN A 37 -1.18 -2.78 11.11
CA ASN A 37 -1.34 -1.35 10.86
C ASN A 37 -0.42 -0.89 9.74
N TRP A 38 0.52 -1.75 9.33
CA TRP A 38 1.47 -1.43 8.29
C TRP A 38 1.69 -2.66 7.42
N TRP A 39 1.56 -2.50 6.11
CA TRP A 39 1.74 -3.57 5.16
C TRP A 39 2.85 -3.21 4.20
N ASN A 40 3.35 -4.19 3.45
CA ASN A 40 4.40 -3.98 2.48
C ASN A 40 3.92 -4.47 1.12
N GLY A 41 4.45 -3.87 0.06
CA GLY A 41 4.06 -4.23 -1.29
C GLY A 41 4.82 -3.38 -2.29
N GLU A 42 4.47 -3.48 -3.56
CA GLU A 42 5.10 -2.71 -4.61
C GLU A 42 4.04 -2.09 -5.51
N ILE A 43 4.42 -1.01 -6.20
CA ILE A 43 3.53 -0.33 -7.12
C ILE A 43 4.37 0.33 -8.21
N GLY A 44 3.92 0.25 -9.45
CA GLY A 44 4.60 0.85 -10.57
C GLY A 44 6.05 0.39 -10.64
N ASN A 45 6.98 1.30 -10.28
CA ASN A 45 8.41 1.03 -10.35
C ASN A 45 9.08 1.11 -8.97
N ARG A 46 8.31 1.18 -7.88
CA ARG A 46 8.89 1.34 -6.55
C ARG A 46 8.29 0.36 -5.55
N LYS A 47 8.83 0.38 -4.32
CA LYS A 47 8.38 -0.48 -3.23
C LYS A 47 8.61 0.20 -1.88
N GLY A 48 8.00 -0.35 -0.82
CA GLY A 48 8.13 0.18 0.53
C GLY A 48 6.87 -0.13 1.33
N ILE A 49 6.92 0.14 2.64
CA ILE A 49 5.78 -0.10 3.52
C ILE A 49 4.78 1.05 3.40
N PHE A 50 3.56 0.82 3.88
CA PHE A 50 2.50 1.82 3.86
C PHE A 50 1.47 1.54 4.95
N PRO A 51 0.69 2.56 5.35
CA PRO A 51 -0.32 2.44 6.36
C PRO A 51 -1.52 1.63 5.85
N ALA A 52 -1.98 0.67 6.67
CA ALA A 52 -3.11 -0.17 6.31
C ALA A 52 -4.45 0.58 6.47
N THR A 53 -4.53 1.49 7.44
CA THR A 53 -5.75 2.25 7.72
C THR A 53 -6.00 3.30 6.63
N TYR A 54 -5.11 3.39 5.64
CA TYR A 54 -5.23 4.34 4.56
C TYR A 54 -5.84 3.69 3.31
N VAL A 55 -6.13 2.38 3.37
CA VAL A 55 -6.65 1.69 2.19
C VAL A 55 -7.80 0.75 2.55
N THR A 56 -8.49 0.26 1.53
CA THR A 56 -9.59 -0.69 1.69
C THR A 56 -9.17 -2.02 1.06
N PRO A 57 -9.62 -3.15 1.60
CA PRO A 57 -9.28 -4.46 1.09
C PRO A 57 -10.07 -4.72 -0.19
N TYR A 58 -9.40 -4.63 -1.34
CA TYR A 58 -10.05 -4.87 -2.61
C TYR A 58 -10.20 -6.39 -2.81
N HIS A 59 -10.97 -6.79 -3.82
CA HIS A 59 -11.18 -8.21 -4.09
C HIS A 59 -9.93 -8.80 -4.71
N SER A 60 -9.41 -9.88 -4.10
CA SER A 60 -8.21 -10.54 -4.59
C SER A 60 -8.43 -11.10 -5.99
N GLY A 1 -2.28 -17.45 -2.02
CA GLY A 1 -0.91 -16.98 -1.77
C GLY A 1 -0.93 -15.63 -1.07
N GLU A 2 -0.36 -14.62 -1.72
CA GLU A 2 -0.26 -13.28 -1.16
C GLU A 2 -0.67 -12.23 -2.20
N GLU A 3 -1.44 -12.63 -3.22
CA GLU A 3 -1.92 -11.74 -4.27
C GLU A 3 -2.89 -10.68 -3.72
N MET A 4 -3.01 -10.60 -2.39
CA MET A 4 -3.90 -9.65 -1.74
C MET A 4 -3.47 -8.24 -2.15
N LEU A 5 -4.43 -7.40 -2.55
CA LEU A 5 -4.16 -6.03 -2.95
C LEU A 5 -5.14 -5.07 -2.31
N VAL A 6 -4.76 -3.79 -2.21
CA VAL A 6 -5.57 -2.78 -1.58
C VAL A 6 -5.63 -1.53 -2.44
N GLN A 7 -6.52 -0.59 -2.11
CA GLN A 7 -6.68 0.63 -2.90
C GLN A 7 -6.70 1.85 -1.97
N ALA A 8 -6.13 2.97 -2.45
CA ALA A 8 -6.08 4.22 -1.72
C ALA A 8 -7.44 4.89 -1.73
N LEU A 9 -7.83 5.49 -0.60
CA LEU A 9 -9.14 6.14 -0.49
C LEU A 9 -9.03 7.66 -0.41
N TYR A 10 -7.82 8.19 -0.18
CA TYR A 10 -7.62 9.63 -0.04
C TYR A 10 -6.31 10.05 -0.67
N ASP A 11 -6.06 11.36 -0.73
CA ASP A 11 -4.82 11.89 -1.26
C ASP A 11 -3.71 11.68 -0.23
N PHE A 12 -2.48 11.51 -0.71
CA PHE A 12 -1.33 11.28 0.14
C PHE A 12 -0.05 11.50 -0.64
N VAL A 13 0.95 12.13 0.00
CA VAL A 13 2.25 12.35 -0.61
C VAL A 13 3.34 12.15 0.45
N PRO A 14 4.08 11.03 0.40
CA PRO A 14 5.11 10.73 1.36
C PRO A 14 6.31 11.66 1.16
N GLN A 15 6.41 12.70 1.99
CA GLN A 15 7.51 13.64 1.91
C GLN A 15 8.79 13.01 2.48
N GLU A 16 8.72 11.75 2.92
CA GLU A 16 9.87 11.06 3.49
C GLU A 16 10.06 9.72 2.79
N SER A 17 11.29 9.20 2.84
CA SER A 17 11.60 7.92 2.22
C SER A 17 11.15 6.79 3.13
N GLY A 18 11.01 5.58 2.56
CA GLY A 18 10.60 4.40 3.30
C GLY A 18 9.14 4.07 3.03
N GLU A 19 8.37 5.05 2.54
CA GLU A 19 6.97 4.86 2.23
C GLU A 19 6.78 4.72 0.72
N LEU A 20 5.63 4.18 0.31
CA LEU A 20 5.31 4.02 -1.10
C LEU A 20 4.72 5.31 -1.65
N ASP A 21 5.35 5.87 -2.68
CA ASP A 21 4.82 7.06 -3.33
C ASP A 21 3.67 6.64 -4.26
N PHE A 22 2.48 7.14 -3.95
CA PHE A 22 1.27 6.87 -4.71
C PHE A 22 0.32 8.03 -4.53
N ARG A 23 -0.85 7.96 -5.17
CA ARG A 23 -1.87 9.00 -5.10
C ARG A 23 -3.23 8.35 -4.89
N ARG A 24 -4.25 9.17 -4.66
CA ARG A 24 -5.60 8.67 -4.42
C ARG A 24 -6.06 7.79 -5.58
N GLY A 25 -6.74 6.69 -5.24
CA GLY A 25 -7.28 5.77 -6.23
C GLY A 25 -6.28 4.72 -6.69
N ASP A 26 -4.99 4.88 -6.36
CA ASP A 26 -3.98 3.92 -6.78
C ASP A 26 -4.17 2.60 -6.04
N VAL A 27 -3.67 1.51 -6.64
CA VAL A 27 -3.78 0.17 -6.06
C VAL A 27 -2.38 -0.33 -5.72
N ILE A 28 -2.24 -1.06 -4.61
CA ILE A 28 -0.94 -1.58 -4.17
C ILE A 28 -1.04 -3.09 -3.98
N THR A 29 -0.06 -3.82 -4.51
CA THR A 29 -0.01 -5.26 -4.37
C THR A 29 0.64 -5.61 -3.04
N VAL A 30 -0.15 -6.01 -2.05
CA VAL A 30 0.36 -6.36 -0.73
C VAL A 30 1.15 -7.66 -0.85
N THR A 31 2.19 -7.83 -0.01
CA THR A 31 3.00 -9.02 -0.06
C THR A 31 3.19 -9.62 1.34
N ASP A 32 2.83 -8.89 2.40
CA ASP A 32 2.93 -9.38 3.76
C ASP A 32 1.90 -8.68 4.63
N ARG A 33 1.58 -9.30 5.77
CA ARG A 33 0.59 -8.79 6.72
C ARG A 33 1.17 -8.80 8.14
N SER A 34 2.49 -8.70 8.27
CA SER A 34 3.17 -8.71 9.56
C SER A 34 2.51 -7.72 10.53
N ASP A 35 2.72 -6.42 10.32
CA ASP A 35 2.15 -5.41 11.18
C ASP A 35 0.64 -5.33 10.95
N GLU A 36 -0.12 -5.05 12.01
CA GLU A 36 -1.57 -4.92 11.89
C GLU A 36 -1.95 -3.49 11.53
N ASN A 37 -0.97 -2.56 11.53
CA ASN A 37 -1.23 -1.16 11.23
C ASN A 37 -0.49 -0.72 9.97
N TRP A 38 0.38 -1.57 9.43
CA TRP A 38 1.14 -1.27 8.22
C TRP A 38 1.27 -2.54 7.40
N TRP A 39 1.51 -2.40 6.10
CA TRP A 39 1.70 -3.55 5.23
C TRP A 39 2.82 -3.26 4.24
N ASN A 40 3.34 -4.30 3.61
CA ASN A 40 4.39 -4.19 2.61
C ASN A 40 3.80 -4.55 1.26
N GLY A 41 4.37 -3.99 0.19
CA GLY A 41 3.89 -4.27 -1.15
C GLY A 41 4.72 -3.51 -2.17
N GLU A 42 4.34 -3.61 -3.44
CA GLU A 42 5.02 -2.92 -4.51
C GLU A 42 3.99 -2.26 -5.43
N ILE A 43 4.38 -1.15 -6.05
CA ILE A 43 3.55 -0.42 -6.99
C ILE A 43 4.46 0.31 -7.97
N GLY A 44 4.08 0.31 -9.26
CA GLY A 44 4.87 0.97 -10.28
C GLY A 44 6.28 0.39 -10.29
N ASN A 45 7.28 1.24 -10.03
CA ASN A 45 8.68 0.84 -10.03
C ASN A 45 9.30 1.01 -8.64
N ARG A 46 8.48 1.23 -7.61
CA ARG A 46 9.00 1.49 -6.26
C ARG A 46 8.43 0.52 -5.23
N LYS A 47 9.01 0.56 -4.02
CA LYS A 47 8.64 -0.31 -2.91
C LYS A 47 8.62 0.51 -1.63
N GLY A 48 8.08 -0.07 -0.55
CA GLY A 48 8.00 0.61 0.75
C GLY A 48 6.78 0.14 1.52
N ILE A 49 6.55 0.73 2.69
CA ILE A 49 5.41 0.39 3.54
C ILE A 49 4.35 1.47 3.42
N PHE A 50 3.14 1.15 3.90
CA PHE A 50 2.02 2.08 3.87
C PHE A 50 1.04 1.73 5.00
N PRO A 51 0.27 2.70 5.48
CA PRO A 51 -0.69 2.53 6.55
C PRO A 51 -1.91 1.75 6.05
N ALA A 52 -2.43 0.84 6.87
CA ALA A 52 -3.59 0.02 6.52
C ALA A 52 -4.88 0.83 6.58
N THR A 53 -4.97 1.79 7.50
CA THR A 53 -6.19 2.59 7.68
C THR A 53 -6.40 3.56 6.50
N TYR A 54 -5.42 3.66 5.61
CA TYR A 54 -5.51 4.55 4.45
C TYR A 54 -6.03 3.79 3.23
N VAL A 55 -6.18 2.47 3.33
CA VAL A 55 -6.60 1.65 2.22
C VAL A 55 -7.74 0.72 2.62
N THR A 56 -8.34 0.07 1.61
CA THR A 56 -9.41 -0.88 1.81
C THR A 56 -9.01 -2.24 1.21
N PRO A 57 -9.42 -3.35 1.84
CA PRO A 57 -9.13 -4.69 1.37
C PRO A 57 -9.95 -4.98 0.12
N TYR A 58 -9.36 -4.76 -1.06
CA TYR A 58 -10.03 -5.02 -2.31
C TYR A 58 -10.15 -6.54 -2.51
N HIS A 59 -10.90 -6.97 -3.52
CA HIS A 59 -11.05 -8.38 -3.81
C HIS A 59 -9.77 -8.88 -4.48
N SER A 60 -9.25 -10.03 -4.03
CA SER A 60 -8.04 -10.62 -4.56
C SER A 60 -8.34 -11.36 -5.87
N GLY A 1 2.00 -16.82 -2.60
CA GLY A 1 0.63 -16.35 -2.88
C GLY A 1 0.50 -14.89 -2.51
N GLU A 2 -0.15 -14.60 -1.37
CA GLU A 2 -0.28 -13.25 -0.87
C GLU A 2 -0.86 -12.34 -1.96
N GLU A 3 -1.78 -12.90 -2.76
CA GLU A 3 -2.41 -12.21 -3.89
C GLU A 3 -3.26 -11.03 -3.42
N MET A 4 -3.30 -10.76 -2.11
CA MET A 4 -4.10 -9.69 -1.56
C MET A 4 -3.60 -8.34 -2.07
N LEU A 5 -4.53 -7.46 -2.44
CA LEU A 5 -4.22 -6.12 -2.90
C LEU A 5 -5.17 -5.13 -2.22
N VAL A 6 -4.79 -3.86 -2.16
CA VAL A 6 -5.57 -2.83 -1.49
C VAL A 6 -5.69 -1.59 -2.38
N GLN A 7 -6.55 -0.65 -2.02
CA GLN A 7 -6.76 0.56 -2.80
C GLN A 7 -6.76 1.80 -1.89
N ALA A 8 -6.21 2.91 -2.40
CA ALA A 8 -6.15 4.18 -1.69
C ALA A 8 -7.52 4.84 -1.73
N LEU A 9 -7.91 5.49 -0.62
CA LEU A 9 -9.21 6.13 -0.50
C LEU A 9 -9.10 7.66 -0.48
N TYR A 10 -7.89 8.19 -0.27
CA TYR A 10 -7.67 9.63 -0.18
C TYR A 10 -6.33 9.97 -0.83
N ASP A 11 -6.02 11.26 -0.95
CA ASP A 11 -4.75 11.68 -1.54
C ASP A 11 -3.65 11.53 -0.47
N PHE A 12 -2.40 11.39 -0.89
CA PHE A 12 -1.30 11.19 0.04
C PHE A 12 0.04 11.40 -0.67
N VAL A 13 1.00 12.03 0.02
CA VAL A 13 2.33 12.24 -0.52
C VAL A 13 3.38 12.00 0.57
N PRO A 14 3.91 10.78 0.67
CA PRO A 14 4.89 10.41 1.66
C PRO A 14 6.24 11.02 1.32
N GLN A 15 6.54 12.20 1.87
CA GLN A 15 7.79 12.88 1.60
C GLN A 15 8.95 12.13 2.27
N GLU A 16 8.65 11.30 3.27
CA GLU A 16 9.66 10.53 3.97
C GLU A 16 9.94 9.24 3.22
N SER A 17 11.22 8.99 2.90
CA SER A 17 11.60 7.79 2.18
C SER A 17 11.33 6.55 3.03
N GLY A 18 11.26 5.39 2.39
CA GLY A 18 10.98 4.13 3.04
C GLY A 18 9.51 3.78 2.90
N GLU A 19 8.66 4.78 2.69
CA GLU A 19 7.25 4.56 2.47
C GLU A 19 7.01 4.35 0.97
N LEU A 20 5.86 3.78 0.63
CA LEU A 20 5.49 3.54 -0.75
C LEU A 20 4.85 4.80 -1.32
N ASP A 21 5.32 5.28 -2.47
CA ASP A 21 4.72 6.46 -3.08
C ASP A 21 3.53 6.05 -3.93
N PHE A 22 2.35 6.55 -3.57
CA PHE A 22 1.10 6.27 -4.26
C PHE A 22 0.24 7.52 -4.25
N ARG A 23 -0.90 7.49 -4.95
CA ARG A 23 -1.83 8.60 -5.01
C ARG A 23 -3.24 8.07 -4.84
N ARG A 24 -4.22 8.98 -4.72
CA ARG A 24 -5.61 8.59 -4.52
C ARG A 24 -6.09 7.70 -5.66
N GLY A 25 -6.83 6.63 -5.31
CA GLY A 25 -7.42 5.73 -6.29
C GLY A 25 -6.46 4.63 -6.71
N ASP A 26 -5.16 4.78 -6.43
CA ASP A 26 -4.17 3.80 -6.83
C ASP A 26 -4.38 2.49 -6.08
N VAL A 27 -3.88 1.39 -6.66
CA VAL A 27 -3.98 0.06 -6.07
C VAL A 27 -2.57 -0.44 -5.75
N ILE A 28 -2.42 -1.17 -4.66
CA ILE A 28 -1.12 -1.68 -4.21
C ILE A 28 -1.22 -3.18 -3.98
N THR A 29 -0.32 -3.95 -4.58
CA THR A 29 -0.28 -5.38 -4.40
C THR A 29 0.52 -5.70 -3.14
N VAL A 30 -0.16 -6.21 -2.11
CA VAL A 30 0.45 -6.56 -0.84
C VAL A 30 1.33 -7.80 -1.03
N THR A 31 2.42 -7.89 -0.25
CA THR A 31 3.31 -9.04 -0.31
C THR A 31 3.54 -9.61 1.09
N ASP A 32 3.20 -8.83 2.12
CA ASP A 32 3.32 -9.26 3.51
C ASP A 32 2.26 -8.56 4.35
N ARG A 33 1.83 -9.20 5.44
CA ARG A 33 0.80 -8.68 6.32
C ARG A 33 1.27 -8.74 7.77
N SER A 34 2.58 -8.64 7.98
CA SER A 34 3.21 -8.71 9.28
C SER A 34 2.51 -7.81 10.31
N ASP A 35 2.69 -6.50 10.20
CA ASP A 35 2.09 -5.56 11.15
C ASP A 35 0.59 -5.45 10.89
N GLU A 36 -0.18 -5.16 11.94
CA GLU A 36 -1.62 -5.00 11.84
C GLU A 36 -1.98 -3.54 11.54
N ASN A 37 -0.98 -2.66 11.47
CA ASN A 37 -1.20 -1.24 11.20
C ASN A 37 -0.41 -0.79 9.97
N TRP A 38 0.47 -1.65 9.44
CA TRP A 38 1.27 -1.32 8.28
C TRP A 38 1.46 -2.58 7.44
N TRP A 39 1.71 -2.40 6.14
CA TRP A 39 1.93 -3.52 5.22
C TRP A 39 3.00 -3.15 4.22
N ASN A 40 3.52 -4.16 3.51
CA ASN A 40 4.53 -3.96 2.48
C ASN A 40 3.91 -4.32 1.13
N GLY A 41 4.43 -3.74 0.05
CA GLY A 41 3.93 -4.00 -1.28
C GLY A 41 4.74 -3.19 -2.29
N GLU A 42 4.31 -3.22 -3.55
CA GLU A 42 4.99 -2.49 -4.61
C GLU A 42 3.96 -1.75 -5.45
N ILE A 43 4.40 -0.68 -6.12
CA ILE A 43 3.56 0.08 -7.02
C ILE A 43 4.45 0.74 -8.06
N GLY A 44 4.01 0.74 -9.32
CA GLY A 44 4.78 1.33 -10.40
C GLY A 44 6.17 0.71 -10.44
N ASN A 45 7.19 1.51 -10.14
CA ASN A 45 8.58 1.06 -10.18
C ASN A 45 9.26 1.14 -8.81
N ARG A 46 8.50 1.43 -7.73
CA ARG A 46 9.12 1.58 -6.41
C ARG A 46 8.42 0.73 -5.36
N LYS A 47 9.01 0.69 -4.15
CA LYS A 47 8.53 -0.14 -3.05
C LYS A 47 8.62 0.63 -1.74
N GLY A 48 7.99 0.09 -0.69
CA GLY A 48 7.98 0.70 0.62
C GLY A 48 6.78 0.23 1.43
N ILE A 49 6.67 0.68 2.69
CA ILE A 49 5.56 0.35 3.57
C ILE A 49 4.49 1.43 3.45
N PHE A 50 3.27 1.14 3.94
CA PHE A 50 2.19 2.10 3.90
C PHE A 50 1.18 1.82 5.02
N PRO A 51 0.40 2.84 5.42
CA PRO A 51 -0.59 2.73 6.48
C PRO A 51 -1.76 1.85 6.03
N ALA A 52 -2.10 0.86 6.85
CA ALA A 52 -3.15 -0.10 6.55
C ALA A 52 -4.56 0.50 6.69
N THR A 53 -4.72 1.58 7.46
CA THR A 53 -6.03 2.19 7.67
C THR A 53 -6.34 3.23 6.60
N TYR A 54 -5.36 3.53 5.73
CA TYR A 54 -5.53 4.50 4.66
C TYR A 54 -6.05 3.81 3.39
N VAL A 55 -6.11 2.47 3.39
CA VAL A 55 -6.54 1.71 2.24
C VAL A 55 -7.69 0.77 2.61
N THR A 56 -8.31 0.18 1.58
CA THR A 56 -9.40 -0.76 1.75
C THR A 56 -8.97 -2.09 1.13
N PRO A 57 -9.40 -3.23 1.70
CA PRO A 57 -9.07 -4.54 1.19
C PRO A 57 -9.84 -4.80 -0.10
N TYR A 58 -9.17 -4.67 -1.24
CA TYR A 58 -9.81 -4.90 -2.53
C TYR A 58 -10.04 -6.40 -2.71
N HIS A 59 -10.81 -6.79 -3.72
CA HIS A 59 -11.10 -8.19 -3.99
C HIS A 59 -9.90 -8.85 -4.65
N SER A 60 -9.22 -9.73 -3.91
CA SER A 60 -8.05 -10.44 -4.41
C SER A 60 -8.40 -11.22 -5.67
#